data_6DWA
#
_entry.id   6DWA
#
_cell.length_a   63.681
_cell.length_b   114.443
_cell.length_c   156.364
_cell.angle_alpha   90.00
_cell.angle_beta   90.00
_cell.angle_gamma   90.00
#
_symmetry.space_group_name_H-M   'P 21 21 21'
#
loop_
_entity.id
_entity.type
_entity.pdbx_description
1 polymer '4497 Fab Light Chain'
2 polymer '4497 Fab Heavy Chain'
3 non-polymer 4-O-[2-acetamido-2-deoxy-beta-D-glucopyranosyl]-1-O-phosphono-D-ribitol
4 water water
#
loop_
_entity_poly.entity_id
_entity_poly.type
_entity_poly.pdbx_seq_one_letter_code
_entity_poly.pdbx_strand_id
1 'polypeptide(L)'
;MGWSCIILFLVATATGVHSDIQLTQSPDSLAVSLGERATINCKSSQSIFRTSRNKNLLNWYQQRPGQPPRLLIHWASTRK
SGVPDRFSGSGFGTDFTLTITSLQAEDVAIYYCQQYFSPPYTFGQGTKLEIKRTVAAPSVFIFPPSDEQLKSGTASVVCL
LNNFYPREAKVQWKVDNALQSGNSQESVTEQDSKDSTYSLSSTLTLSKADYEKHKVYACEVTHQGLSSPVTKSFNRGEC
;
A,L
2 'polypeptide(L)'
;MGWSCIILFLVATATGVHSEVQLVESGGGLVQPGGSLRLSCSASGFSFNSFWMHWVRQVPGKGLVWISFTNNEGTTTAYA
DSVRGRFIISRDNAKNTLYLEMNNLRGEDTAVYYCARGDGGLDDWGQGTLVTVSSASTKGPSVFPLAPSSKSTSGGTAAL
GCLVKDYFPEPVTVSWNSGALTSGVHTFPAVLQSSGLYSLSSVVTVPSSSLGTQTYICNVNHKPSNTKVDKKVEPKSCDK
THT
;
B,H
#
# COMPACT_ATOMS: atom_id res chain seq x y z
N ASP A 20 4.27 -6.68 -34.86
CA ASP A 20 4.02 -5.26 -34.59
C ASP A 20 4.54 -4.84 -33.22
N ILE A 21 4.38 -3.55 -32.90
CA ILE A 21 4.99 -2.97 -31.70
C ILE A 21 4.44 -3.60 -30.42
N GLN A 22 5.35 -4.15 -29.62
CA GLN A 22 4.99 -4.73 -28.33
C GLN A 22 5.25 -3.74 -27.19
N LEU A 23 4.27 -3.62 -26.30
CA LEU A 23 4.39 -2.77 -25.12
C LEU A 23 4.30 -3.67 -23.89
N THR A 24 5.32 -3.60 -23.05
CA THR A 24 5.37 -4.40 -21.84
C THR A 24 5.39 -3.50 -20.61
N GLN A 25 4.37 -3.64 -19.77
CA GLN A 25 4.30 -2.86 -18.54
C GLN A 25 4.99 -3.58 -17.40
N SER A 26 5.51 -2.80 -16.44
CA SER A 26 5.95 -3.36 -15.16
C SER A 26 5.59 -2.42 -14.03
N PRO A 27 5.13 -2.99 -12.90
CA PRO A 27 4.95 -4.43 -12.76
C PRO A 27 3.56 -4.84 -13.24
N ASP A 28 3.18 -6.10 -13.06
CA ASP A 28 1.86 -6.58 -13.46
C ASP A 28 0.81 -6.12 -12.47
N SER A 29 1.20 -6.14 -11.20
CA SER A 29 0.35 -5.69 -10.12
C SER A 29 1.19 -4.93 -9.12
N LEU A 30 0.60 -3.88 -8.56
CA LEU A 30 1.31 -2.95 -7.72
C LEU A 30 0.45 -2.63 -6.51
N ALA A 31 0.95 -2.93 -5.32
CA ALA A 31 0.26 -2.60 -4.08
C ALA A 31 0.94 -1.42 -3.37
N VAL A 32 0.28 -0.27 -3.29
CA VAL A 32 0.89 0.93 -2.73
C VAL A 32 -0.04 1.61 -1.72
N SER A 33 0.54 2.27 -0.72
CA SER A 33 -0.24 2.83 0.39
C SER A 33 -0.90 4.17 0.09
N LEU A 34 -2.04 4.43 0.73
CA LEU A 34 -2.72 5.70 0.57
C LEU A 34 -1.76 6.86 0.84
N GLY A 35 -1.86 7.91 0.03
CA GLY A 35 -1.02 9.09 0.20
C GLY A 35 0.39 8.99 -0.36
N GLU A 36 0.82 7.77 -0.67
CA GLU A 36 2.15 7.57 -1.24
C GLU A 36 2.16 7.70 -2.78
N ARG A 37 3.31 7.38 -3.37
CA ARG A 37 3.55 7.55 -4.80
C ARG A 37 3.59 6.21 -5.56
N ALA A 38 2.89 6.13 -6.69
CA ALA A 38 2.92 4.92 -7.50
C ALA A 38 3.69 5.14 -8.79
N THR A 39 4.54 4.18 -9.12
CA THR A 39 5.39 4.28 -10.30
C THR A 39 5.17 3.07 -11.22
N ILE A 40 4.71 3.35 -12.43
CA ILE A 40 4.35 2.30 -13.39
C ILE A 40 5.08 2.52 -14.71
N ASN A 41 5.85 1.53 -15.13
CA ASN A 41 6.64 1.62 -16.35
C ASN A 41 5.94 0.99 -17.55
N CYS A 42 6.29 1.48 -18.73
CA CYS A 42 5.86 0.93 -20.01
C CYS A 42 7.09 0.91 -20.92
N LYS A 43 7.46 -0.25 -21.44
CA LYS A 43 8.53 -0.31 -22.42
C LYS A 43 8.01 -0.78 -23.78
N SER A 44 8.39 -0.06 -24.84
CA SER A 44 8.01 -0.44 -26.20
C SER A 44 9.15 -1.15 -26.93
N SER A 45 8.79 -2.05 -27.85
CA SER A 45 9.80 -2.84 -28.56
C SER A 45 10.55 -2.01 -29.61
N GLN A 46 10.04 -0.83 -29.93
CA GLN A 46 10.75 0.08 -30.83
C GLN A 46 10.34 1.51 -30.52
N SER A 47 11.14 2.47 -30.98
CA SER A 47 10.83 3.86 -30.70
C SER A 47 9.44 4.24 -31.20
N ILE A 48 8.75 5.09 -30.44
CA ILE A 48 7.46 5.63 -30.86
C ILE A 48 7.49 7.15 -30.88
N PHE A 49 8.68 7.71 -30.95
CA PHE A 49 8.84 9.15 -31.14
C PHE A 49 8.65 9.48 -32.62
N ARG A 50 7.64 10.28 -32.91
CA ARG A 50 7.42 10.74 -34.28
C ARG A 50 8.14 12.08 -34.48
N THR A 51 9.23 12.04 -35.24
CA THR A 51 10.09 13.21 -35.40
C THR A 51 9.34 14.42 -35.95
N SER A 52 8.46 14.17 -36.91
CA SER A 52 7.76 15.22 -37.61
C SER A 52 6.78 15.96 -36.70
N ARG A 53 6.44 15.35 -35.56
CA ARG A 53 5.53 15.95 -34.60
C ARG A 53 6.27 16.31 -33.32
N ASN A 54 7.51 15.86 -33.22
CA ASN A 54 8.29 15.97 -32.00
C ASN A 54 7.49 15.50 -30.78
N LYS A 55 6.75 14.42 -30.95
CA LYS A 55 6.00 13.83 -29.85
C LYS A 55 6.27 12.34 -29.72
N ASN A 56 6.31 11.86 -28.49
CA ASN A 56 6.21 10.44 -28.22
C ASN A 56 4.74 10.08 -28.18
N LEU A 57 4.34 9.16 -29.04
CA LEU A 57 2.91 8.88 -29.20
C LEU A 57 2.50 7.74 -28.27
N LEU A 58 2.46 8.03 -26.98
CA LEU A 58 2.07 7.06 -25.97
C LEU A 58 0.93 7.61 -25.14
N ASN A 59 -0.08 6.77 -24.90
CA ASN A 59 -1.25 7.13 -24.12
C ASN A 59 -1.27 6.32 -22.83
N TRP A 60 -1.82 6.89 -21.76
CA TRP A 60 -2.02 6.16 -20.49
C TRP A 60 -3.49 6.20 -20.11
N TYR A 61 -4.03 5.04 -19.71
CA TYR A 61 -5.46 4.96 -19.39
C TYR A 61 -5.66 4.41 -17.99
N GLN A 62 -6.77 4.81 -17.38
CA GLN A 62 -7.17 4.24 -16.11
C GLN A 62 -8.48 3.53 -16.35
N GLN A 63 -8.60 2.30 -15.87
CA GLN A 63 -9.88 1.61 -16.00
C GLN A 63 -10.32 1.13 -14.63
N ARG A 64 -11.27 1.84 -14.06
CA ARG A 64 -11.78 1.48 -12.74
C ARG A 64 -12.67 0.25 -12.88
N PRO A 65 -12.92 -0.43 -11.76
CA PRO A 65 -13.75 -1.65 -11.76
C PRO A 65 -15.14 -1.40 -12.35
N GLY A 66 -15.51 -2.17 -13.37
CA GLY A 66 -16.82 -2.08 -13.99
C GLY A 66 -17.05 -0.89 -14.90
N GLN A 67 -15.97 -0.23 -15.32
CA GLN A 67 -16.07 0.96 -16.16
C GLN A 67 -15.29 0.81 -17.46
N PRO A 68 -15.60 1.67 -18.44
CA PRO A 68 -14.75 1.84 -19.63
C PRO A 68 -13.46 2.56 -19.23
N PRO A 69 -12.37 2.35 -19.99
CA PRO A 69 -11.12 3.06 -19.70
C PRO A 69 -11.37 4.56 -19.76
N ARG A 70 -10.53 5.31 -19.05
CA ARG A 70 -10.54 6.77 -19.10
C ARG A 70 -9.17 7.22 -19.55
N LEU A 71 -9.08 8.15 -20.50
CA LEU A 71 -7.77 8.62 -20.93
C LEU A 71 -7.17 9.59 -19.92
N LEU A 72 -5.97 9.28 -19.42
CA LEU A 72 -5.28 10.15 -18.47
C LEU A 72 -4.28 11.05 -19.16
N ILE A 73 -3.50 10.48 -20.07
CA ILE A 73 -2.37 11.19 -20.68
C ILE A 73 -2.16 10.73 -22.12
N HIS A 74 -1.82 11.66 -23.01
CA HIS A 74 -1.46 11.33 -24.39
C HIS A 74 -0.18 12.09 -24.78
N TRP A 75 0.41 11.74 -25.92
CA TRP A 75 1.71 12.31 -26.29
C TRP A 75 2.74 12.08 -25.19
N ALA A 76 2.59 10.96 -24.48
CA ALA A 76 3.48 10.57 -23.37
C ALA A 76 3.41 11.41 -22.08
N SER A 77 3.19 12.72 -22.18
CA SER A 77 3.25 13.54 -20.96
C SER A 77 2.19 14.62 -20.83
N THR A 78 1.29 14.70 -21.79
CA THR A 78 0.24 15.71 -21.76
C THR A 78 -1.04 15.17 -21.11
N ARG A 79 -1.46 15.79 -20.01
CA ARG A 79 -2.69 15.37 -19.35
C ARG A 79 -3.91 15.84 -20.11
N LYS A 80 -4.97 15.02 -20.08
CA LYS A 80 -6.25 15.43 -20.62
C LYS A 80 -6.89 16.36 -19.61
N SER A 81 -7.64 17.36 -20.07
CA SER A 81 -8.25 18.30 -19.11
C SER A 81 -9.17 17.53 -18.17
N GLY A 82 -9.18 17.91 -16.90
CA GLY A 82 -10.07 17.31 -15.92
C GLY A 82 -9.41 16.20 -15.12
N VAL A 83 -8.28 15.71 -15.61
CA VAL A 83 -7.48 14.72 -14.90
C VAL A 83 -6.59 15.42 -13.88
N PRO A 84 -6.68 15.00 -12.62
CA PRO A 84 -5.89 15.59 -11.52
C PRO A 84 -4.41 15.64 -11.84
N ASP A 85 -3.71 16.66 -11.32
CA ASP A 85 -2.28 16.77 -11.57
C ASP A 85 -1.45 15.76 -10.78
N ARG A 86 -2.12 14.93 -9.98
CA ARG A 86 -1.47 13.80 -9.31
C ARG A 86 -0.96 12.78 -10.33
N PHE A 87 -1.57 12.75 -11.50
CA PHE A 87 -1.14 11.86 -12.59
C PHE A 87 -0.18 12.56 -13.51
N SER A 88 0.99 11.97 -13.72
CA SER A 88 1.95 12.57 -14.63
C SER A 88 2.64 11.51 -15.49
N GLY A 89 2.92 11.85 -16.75
CA GLY A 89 3.65 10.95 -17.62
C GLY A 89 5.03 11.48 -17.95
N SER A 90 5.99 10.58 -18.11
CA SER A 90 7.35 10.98 -18.43
C SER A 90 7.96 9.89 -19.30
N GLY A 91 9.18 10.14 -19.77
CA GLY A 91 9.92 9.15 -20.51
C GLY A 91 10.14 9.56 -21.95
N PHE A 92 10.95 8.80 -22.66
CA PHE A 92 11.22 9.11 -24.05
C PHE A 92 11.65 7.87 -24.83
N GLY A 93 11.21 7.79 -26.08
CA GLY A 93 11.70 6.78 -26.99
C GLY A 93 11.05 5.42 -26.79
N THR A 94 11.66 4.58 -25.96
CA THR A 94 11.11 3.26 -25.70
C THR A 94 10.77 3.02 -24.22
N ASP A 95 11.04 4.00 -23.36
CA ASP A 95 10.87 3.82 -21.91
C ASP A 95 10.00 4.92 -21.30
N PHE A 96 8.87 4.53 -20.72
CA PHE A 96 7.91 5.52 -20.24
C PHE A 96 7.44 5.15 -18.85
N THR A 97 6.90 6.14 -18.15
CA THR A 97 6.51 5.97 -16.77
C THR A 97 5.26 6.79 -16.48
N LEU A 98 4.31 6.17 -15.80
CA LEU A 98 3.16 6.86 -15.27
C LEU A 98 3.44 6.98 -13.78
N THR A 99 3.38 8.20 -13.25
CA THR A 99 3.52 8.40 -11.81
C THR A 99 2.21 8.91 -11.24
N ILE A 100 1.79 8.33 -10.13
CA ILE A 100 0.63 8.84 -9.41
C ILE A 100 1.09 9.27 -8.03
N THR A 101 1.03 10.56 -7.76
CA THR A 101 1.40 11.05 -6.43
C THR A 101 0.20 11.07 -5.48
N SER A 102 0.49 10.90 -4.19
CA SER A 102 -0.53 10.93 -3.13
C SER A 102 -1.77 10.11 -3.50
N LEU A 103 -1.58 8.80 -3.50
CA LEU A 103 -2.62 7.86 -3.87
C LEU A 103 -3.92 8.04 -3.08
N GLN A 104 -5.04 8.06 -3.81
CA GLN A 104 -6.38 8.11 -3.20
C GLN A 104 -7.08 6.76 -3.39
N ALA A 105 -7.99 6.44 -2.47
CA ALA A 105 -8.69 5.16 -2.51
C ALA A 105 -9.35 4.92 -3.86
N GLU A 106 -9.76 6.00 -4.51
CA GLU A 106 -10.48 5.89 -5.78
C GLU A 106 -9.54 5.68 -6.97
N ASP A 107 -8.25 5.61 -6.70
CA ASP A 107 -7.26 5.38 -7.77
C ASP A 107 -7.12 3.90 -8.08
N VAL A 108 -7.80 3.08 -7.30
CA VAL A 108 -7.82 1.64 -7.54
C VAL A 108 -8.39 1.37 -8.93
N ALA A 109 -7.66 0.59 -9.71
CA ALA A 109 -7.92 0.49 -11.13
C ALA A 109 -6.83 -0.32 -11.77
N ILE A 110 -7.06 -0.70 -13.02
CA ILE A 110 -6.00 -1.19 -13.87
C ILE A 110 -5.60 -0.08 -14.83
N TYR A 111 -4.29 0.13 -14.93
CA TYR A 111 -3.74 1.19 -15.75
C TYR A 111 -3.07 0.58 -16.98
N TYR A 112 -3.36 1.14 -18.15
CA TYR A 112 -2.76 0.64 -19.38
C TYR A 112 -2.04 1.75 -20.11
N CYS A 113 -0.94 1.39 -20.75
CA CYS A 113 -0.30 2.26 -21.74
C CYS A 113 -0.73 1.81 -23.13
N GLN A 114 -0.59 2.68 -24.13
CA GLN A 114 -0.94 2.34 -25.50
C GLN A 114 -0.10 3.17 -26.45
N GLN A 115 0.45 2.58 -27.50
CA GLN A 115 1.17 3.37 -28.51
C GLN A 115 0.23 3.80 -29.63
N TYR A 116 0.34 5.06 -30.04
CA TYR A 116 -0.53 5.63 -31.05
C TYR A 116 0.37 6.03 -32.24
N PHE A 117 1.37 5.20 -32.49
CA PHE A 117 2.45 5.53 -33.42
C PHE A 117 2.26 4.85 -34.79
N SER A 118 2.01 3.55 -34.77
CA SER A 118 1.67 2.85 -36.00
C SER A 118 0.79 1.65 -35.73
N PRO A 119 -0.27 1.50 -36.53
CA PRO A 119 -1.27 0.44 -36.32
C PRO A 119 -0.63 -0.92 -36.53
N PRO A 120 -1.09 -1.96 -35.82
CA PRO A 120 -2.12 -1.91 -34.77
C PRO A 120 -1.68 -1.08 -33.55
N TYR A 121 -2.53 -0.16 -33.10
CA TYR A 121 -2.21 0.71 -31.97
C TYR A 121 -2.28 -0.02 -30.63
N THR A 122 -1.26 -0.82 -30.38
CA THR A 122 -1.26 -1.80 -29.30
C THR A 122 -1.19 -1.23 -27.87
N PHE A 123 -1.81 -1.98 -26.95
CA PHE A 123 -1.83 -1.69 -25.53
C PHE A 123 -0.83 -2.57 -24.82
N GLY A 124 -0.33 -2.08 -23.70
CA GLY A 124 0.39 -2.91 -22.74
C GLY A 124 -0.60 -3.85 -22.08
N GLN A 125 -0.11 -4.77 -21.27
CA GLN A 125 -0.94 -5.84 -20.70
C GLN A 125 -1.70 -5.37 -19.46
N GLY A 126 -1.41 -4.14 -19.02
CA GLY A 126 -2.06 -3.57 -17.86
C GLY A 126 -1.32 -3.77 -16.56
N THR A 127 -1.45 -2.79 -15.66
CA THR A 127 -0.91 -2.89 -14.31
C THR A 127 -2.02 -2.67 -13.30
N LYS A 128 -2.29 -3.70 -12.49
CA LYS A 128 -3.36 -3.63 -11.52
C LYS A 128 -2.86 -2.94 -10.27
N LEU A 129 -3.51 -1.84 -9.91
CA LEU A 129 -3.10 -1.06 -8.74
C LEU A 129 -3.96 -1.41 -7.53
N GLU A 130 -3.32 -1.92 -6.49
CA GLU A 130 -4.03 -2.19 -5.24
C GLU A 130 -3.64 -1.17 -4.18
N ILE A 131 -4.63 -0.68 -3.46
CA ILE A 131 -4.42 0.26 -2.37
C ILE A 131 -4.15 -0.47 -1.06
N LYS A 132 -2.94 -0.31 -0.52
CA LYS A 132 -2.61 -0.84 0.79
C LYS A 132 -3.22 0.01 1.90
N ARG A 133 -4.04 -0.62 2.73
CA ARG A 133 -4.70 0.06 3.83
C ARG A 133 -4.50 -0.75 5.11
N THR A 134 -5.11 -0.27 6.19
CA THR A 134 -5.03 -0.96 7.46
C THR A 134 -5.82 -2.27 7.40
N VAL A 135 -5.33 -3.29 8.10
CA VAL A 135 -6.00 -4.59 8.14
C VAL A 135 -7.43 -4.48 8.65
N ALA A 136 -8.37 -5.09 7.92
CA ALA A 136 -9.77 -5.12 8.34
C ALA A 136 -10.30 -6.56 8.39
N ALA A 137 -10.97 -6.89 9.48
CA ALA A 137 -11.54 -8.22 9.65
C ALA A 137 -12.86 -8.35 8.88
N PRO A 138 -13.10 -9.54 8.34
CA PRO A 138 -14.37 -9.78 7.64
C PRO A 138 -15.48 -10.05 8.63
N SER A 139 -16.66 -9.48 8.39
CA SER A 139 -17.88 -9.89 9.07
C SER A 139 -18.39 -11.12 8.32
N VAL A 140 -18.73 -12.18 9.05
CA VAL A 140 -19.12 -13.42 8.40
C VAL A 140 -20.59 -13.74 8.56
N PHE A 141 -21.21 -14.21 7.47
CA PHE A 141 -22.62 -14.61 7.46
C PHE A 141 -22.83 -15.89 6.66
N ILE A 142 -23.75 -16.73 7.13
CA ILE A 142 -24.11 -17.93 6.37
C ILE A 142 -25.59 -17.92 5.99
N PHE A 143 -25.91 -18.53 4.85
CA PHE A 143 -27.29 -18.54 4.36
C PHE A 143 -27.69 -19.96 3.97
N PRO A 144 -28.78 -20.46 4.56
CA PRO A 144 -29.31 -21.77 4.20
C PRO A 144 -29.98 -21.71 2.82
N PRO A 145 -30.19 -22.87 2.18
CA PRO A 145 -30.86 -22.79 0.87
C PRO A 145 -32.31 -22.37 1.03
N SER A 146 -32.87 -21.74 0.00
CA SER A 146 -34.28 -21.33 0.01
C SER A 146 -35.18 -22.55 -0.21
N ASP A 147 -36.41 -22.48 0.30
CA ASP A 147 -37.38 -23.54 0.07
C ASP A 147 -37.74 -23.66 -1.41
N GLU A 148 -37.79 -22.53 -2.10
CA GLU A 148 -38.04 -22.52 -3.54
C GLU A 148 -36.95 -23.30 -4.29
N GLN A 149 -35.69 -23.13 -3.89
CA GLN A 149 -34.63 -23.88 -4.56
C GLN A 149 -34.68 -25.35 -4.19
N LEU A 150 -34.86 -25.63 -2.90
CA LEU A 150 -34.91 -27.03 -2.46
C LEU A 150 -35.99 -27.80 -3.21
N LYS A 151 -37.10 -27.12 -3.50
CA LYS A 151 -38.18 -27.71 -4.28
C LYS A 151 -37.68 -28.15 -5.66
N SER A 152 -36.66 -27.46 -6.16
CA SER A 152 -36.14 -27.71 -7.51
C SER A 152 -35.12 -28.86 -7.54
N GLY A 153 -34.67 -29.29 -6.37
CA GLY A 153 -33.81 -30.45 -6.28
C GLY A 153 -32.35 -30.17 -5.97
N THR A 154 -32.02 -28.91 -5.70
CA THR A 154 -30.64 -28.53 -5.38
C THR A 154 -30.60 -27.60 -4.18
N ALA A 155 -29.51 -27.69 -3.41
CA ALA A 155 -29.33 -26.87 -2.23
C ALA A 155 -28.01 -26.09 -2.30
N SER A 156 -28.12 -24.76 -2.36
CA SER A 156 -26.93 -23.92 -2.38
C SER A 156 -26.78 -23.23 -1.04
N VAL A 157 -25.60 -23.37 -0.44
CA VAL A 157 -25.30 -22.74 0.83
C VAL A 157 -24.22 -21.69 0.62
N VAL A 158 -24.51 -20.47 1.07
CA VAL A 158 -23.67 -19.33 0.78
C VAL A 158 -23.03 -18.79 2.06
N CYS A 159 -21.73 -18.59 2.04
CA CYS A 159 -21.05 -17.90 3.12
C CYS A 159 -20.57 -16.55 2.60
N LEU A 160 -20.80 -15.50 3.39
CA LEU A 160 -20.40 -14.15 3.03
C LEU A 160 -19.32 -13.60 3.96
N LEU A 161 -18.16 -13.26 3.41
CA LEU A 161 -17.15 -12.51 4.16
C LEU A 161 -17.19 -11.08 3.67
N ASN A 162 -17.66 -10.17 4.52
CA ASN A 162 -17.85 -8.77 4.12
C ASN A 162 -16.70 -7.83 4.51
N ASN A 163 -16.32 -6.96 3.58
CA ASN A 163 -15.40 -5.83 3.84
C ASN A 163 -14.14 -6.14 4.62
N PHE A 164 -13.27 -6.97 4.05
CA PHE A 164 -12.01 -7.30 4.71
C PHE A 164 -10.77 -6.81 3.96
N TYR A 165 -9.63 -6.88 4.64
CA TYR A 165 -8.33 -6.56 4.06
C TYR A 165 -7.24 -7.14 4.95
N PRO A 166 -6.24 -7.79 4.34
CA PRO A 166 -6.02 -7.88 2.90
C PRO A 166 -6.84 -9.00 2.27
N ARG A 167 -6.69 -9.12 0.95
CA ARG A 167 -7.44 -10.07 0.14
C ARG A 167 -7.39 -11.50 0.66
N GLU A 168 -6.27 -11.87 1.27
CA GLU A 168 -6.01 -13.26 1.65
C GLU A 168 -7.01 -13.79 2.68
N ALA A 169 -7.61 -14.93 2.36
CA ALA A 169 -8.54 -15.60 3.27
C ALA A 169 -8.80 -17.06 2.89
N LYS A 170 -8.93 -17.90 3.91
CA LYS A 170 -9.31 -19.29 3.70
C LYS A 170 -10.71 -19.53 4.23
N VAL A 171 -11.59 -20.00 3.35
CA VAL A 171 -12.97 -20.26 3.71
C VAL A 171 -13.25 -21.75 3.68
N GLN A 172 -13.63 -22.29 4.83
CA GLN A 172 -13.82 -23.73 4.97
C GLN A 172 -15.29 -24.12 5.14
N TRP A 173 -15.68 -25.18 4.43
CA TRP A 173 -17.01 -25.76 4.57
C TRP A 173 -16.94 -27.09 5.29
N LYS A 174 -17.61 -27.15 6.44
CA LYS A 174 -17.69 -28.38 7.22
C LYS A 174 -19.13 -28.85 7.31
N VAL A 175 -19.41 -30.03 6.78
CA VAL A 175 -20.74 -30.62 6.87
C VAL A 175 -20.74 -31.70 7.96
N ASP A 176 -21.54 -31.48 9.00
CA ASP A 176 -21.48 -32.32 10.19
C ASP A 176 -20.03 -32.45 10.65
N ASN A 177 -19.30 -31.33 10.56
CA ASN A 177 -17.91 -31.24 10.99
C ASN A 177 -16.91 -31.95 10.07
N ALA A 178 -17.42 -32.59 9.02
CA ALA A 178 -16.55 -33.14 7.98
C ALA A 178 -16.02 -31.97 7.14
N LEU A 179 -14.95 -32.21 6.39
CA LEU A 179 -14.32 -31.12 5.64
C LEU A 179 -14.55 -31.27 4.14
N GLN A 180 -15.43 -30.42 3.60
CA GLN A 180 -15.81 -30.46 2.19
C GLN A 180 -14.70 -29.98 1.27
N SER A 181 -14.46 -30.72 0.20
CA SER A 181 -13.49 -30.32 -0.81
C SER A 181 -14.07 -30.51 -2.20
N GLY A 182 -13.89 -29.51 -3.07
CA GLY A 182 -14.24 -29.63 -4.47
C GLY A 182 -15.73 -29.59 -4.78
N ASN A 183 -16.49 -28.88 -3.94
CA ASN A 183 -17.91 -28.69 -4.20
C ASN A 183 -18.39 -27.30 -3.76
N SER A 184 -17.47 -26.35 -3.74
CA SER A 184 -17.79 -24.95 -3.46
C SER A 184 -17.02 -24.00 -4.38
N GLN A 185 -17.61 -22.83 -4.66
CA GLN A 185 -17.02 -21.85 -5.55
C GLN A 185 -16.98 -20.49 -4.87
N GLU A 186 -15.93 -19.72 -5.13
CA GLU A 186 -15.80 -18.39 -4.54
C GLU A 186 -15.84 -17.29 -5.60
N SER A 187 -16.36 -16.14 -5.19
CA SER A 187 -16.28 -14.93 -6.01
C SER A 187 -15.87 -13.81 -5.07
N VAL A 188 -14.96 -12.97 -5.53
CA VAL A 188 -14.50 -11.83 -4.73
C VAL A 188 -14.70 -10.53 -5.50
N THR A 189 -15.14 -9.48 -4.81
CA THR A 189 -15.37 -8.21 -5.49
C THR A 189 -14.05 -7.51 -5.77
N GLU A 190 -14.11 -6.47 -6.58
CA GLU A 190 -12.95 -5.60 -6.75
C GLU A 190 -12.79 -4.75 -5.50
N GLN A 191 -11.58 -4.27 -5.26
CA GLN A 191 -11.32 -3.47 -4.08
C GLN A 191 -12.22 -2.26 -4.13
N ASP A 192 -12.90 -2.00 -3.02
CA ASP A 192 -13.88 -0.93 -2.96
C ASP A 192 -13.22 0.42 -3.15
N SER A 193 -13.90 1.29 -3.88
CA SER A 193 -13.35 2.57 -4.30
C SER A 193 -13.26 3.55 -3.14
N LYS A 194 -13.92 3.22 -2.04
CA LYS A 194 -13.98 4.10 -0.87
C LYS A 194 -13.25 3.55 0.37
N ASP A 195 -13.56 2.33 0.79
CA ASP A 195 -12.92 1.79 1.99
C ASP A 195 -11.79 0.84 1.68
N SER A 196 -11.53 0.64 0.39
CA SER A 196 -10.38 -0.14 -0.02
C SER A 196 -10.43 -1.56 0.52
N THR A 197 -11.64 -2.07 0.77
CA THR A 197 -11.76 -3.46 1.22
C THR A 197 -12.31 -4.36 0.13
N TYR A 198 -12.22 -5.67 0.37
CA TYR A 198 -12.83 -6.68 -0.48
C TYR A 198 -13.99 -7.35 0.24
N SER A 199 -14.87 -7.98 -0.52
CA SER A 199 -15.87 -8.91 0.02
C SER A 199 -15.81 -10.21 -0.78
N LEU A 200 -16.13 -11.33 -0.13
CA LEU A 200 -16.01 -12.62 -0.77
C LEU A 200 -17.26 -13.47 -0.51
N SER A 201 -17.73 -14.15 -1.54
CA SER A 201 -18.84 -15.07 -1.39
C SER A 201 -18.37 -16.47 -1.68
N SER A 202 -18.78 -17.41 -0.83
CA SER A 202 -18.47 -18.80 -1.05
C SER A 202 -19.79 -19.58 -1.15
N THR A 203 -19.92 -20.40 -2.17
CA THR A 203 -21.14 -21.16 -2.38
C THR A 203 -20.87 -22.65 -2.38
N LEU A 204 -21.47 -23.35 -1.43
CA LEU A 204 -21.44 -24.80 -1.36
C LEU A 204 -22.67 -25.34 -2.05
N THR A 205 -22.48 -26.26 -2.99
CA THR A 205 -23.59 -26.78 -3.78
C THR A 205 -23.75 -28.30 -3.66
N LEU A 206 -24.93 -28.72 -3.21
CA LEU A 206 -25.24 -30.15 -3.05
C LEU A 206 -26.64 -30.44 -3.53
N SER A 207 -26.90 -31.69 -3.89
CA SER A 207 -28.25 -32.12 -4.24
C SER A 207 -29.11 -32.10 -2.98
N LYS A 208 -30.42 -31.94 -3.17
CA LYS A 208 -31.36 -31.96 -2.06
C LYS A 208 -31.21 -33.24 -1.26
N ALA A 209 -31.01 -34.35 -1.97
CA ALA A 209 -30.84 -35.66 -1.33
C ALA A 209 -29.66 -35.66 -0.37
N ASP A 210 -28.51 -35.21 -0.85
CA ASP A 210 -27.31 -35.13 -0.02
C ASP A 210 -27.48 -34.15 1.13
N TYR A 211 -28.18 -33.04 0.85
CA TYR A 211 -28.41 -32.00 1.83
C TYR A 211 -29.27 -32.49 2.99
N GLU A 212 -30.24 -33.36 2.70
CA GLU A 212 -31.17 -33.83 3.72
C GLU A 212 -30.55 -34.88 4.65
N LYS A 213 -29.40 -35.41 4.25
CA LYS A 213 -28.71 -36.43 5.05
C LYS A 213 -27.69 -35.82 6.01
N HIS A 214 -27.84 -34.54 6.33
CA HIS A 214 -26.92 -33.85 7.24
C HIS A 214 -27.61 -32.76 8.04
N LYS A 215 -26.99 -32.35 9.14
CA LYS A 215 -27.59 -31.36 10.03
C LYS A 215 -26.74 -30.11 10.24
N VAL A 216 -25.43 -30.29 10.44
CA VAL A 216 -24.55 -29.18 10.80
C VAL A 216 -23.75 -28.65 9.61
N TYR A 217 -24.22 -27.54 9.05
CA TYR A 217 -23.50 -26.89 7.95
C TYR A 217 -22.69 -25.70 8.46
N ALA A 218 -21.38 -25.76 8.25
CA ALA A 218 -20.46 -24.79 8.84
C ALA A 218 -19.51 -24.15 7.83
N CYS A 219 -19.42 -22.83 7.89
CA CYS A 219 -18.43 -22.06 7.13
C CYS A 219 -17.38 -21.51 8.07
N GLU A 220 -16.14 -21.98 7.94
CA GLU A 220 -15.07 -21.52 8.83
C GLU A 220 -14.15 -20.53 8.14
N VAL A 221 -13.97 -19.37 8.76
CA VAL A 221 -13.18 -18.29 8.17
C VAL A 221 -11.93 -17.91 8.98
N THR A 222 -10.76 -18.14 8.39
CA THR A 222 -9.51 -17.68 8.99
C THR A 222 -8.99 -16.49 8.19
N HIS A 223 -8.62 -15.42 8.90
CA HIS A 223 -8.09 -14.21 8.27
C HIS A 223 -7.10 -13.49 9.19
N GLN A 224 -6.25 -12.65 8.60
CA GLN A 224 -5.32 -11.83 9.40
C GLN A 224 -6.05 -11.05 10.49
N GLY A 225 -7.10 -10.33 10.10
CA GLY A 225 -7.85 -9.48 11.02
C GLY A 225 -8.65 -10.27 12.06
N LEU A 226 -8.46 -11.59 12.07
CA LEU A 226 -9.14 -12.45 13.02
C LEU A 226 -8.18 -12.98 14.08
N SER A 227 -8.49 -12.68 15.35
CA SER A 227 -7.74 -13.22 16.48
C SER A 227 -7.63 -14.73 16.37
N SER A 228 -8.77 -15.38 16.16
CA SER A 228 -8.83 -16.81 15.92
C SER A 228 -9.97 -17.08 14.95
N PRO A 229 -9.88 -18.19 14.20
CA PRO A 229 -10.88 -18.57 13.21
C PRO A 229 -12.31 -18.30 13.67
N VAL A 230 -13.17 -17.89 12.75
CA VAL A 230 -14.57 -17.66 13.07
C VAL A 230 -15.44 -18.66 12.31
N THR A 231 -16.36 -19.29 13.03
CA THR A 231 -17.28 -20.23 12.41
C THR A 231 -18.72 -19.71 12.49
N LYS A 232 -19.38 -19.61 11.34
CA LYS A 232 -20.82 -19.38 11.29
C LYS A 232 -21.46 -20.63 10.71
N SER A 233 -22.49 -21.13 11.38
CA SER A 233 -23.11 -22.39 10.98
C SER A 233 -24.61 -22.40 11.21
N PHE A 234 -25.27 -23.43 10.69
CA PHE A 234 -26.68 -23.64 10.98
C PHE A 234 -27.01 -25.13 11.01
N ASN A 235 -28.18 -25.44 11.56
CA ASN A 235 -28.68 -26.80 11.61
C ASN A 235 -29.96 -26.92 10.80
N ARG A 236 -30.00 -27.90 9.91
CA ARG A 236 -31.20 -28.13 9.08
C ARG A 236 -32.48 -28.20 9.91
CA GLU B 20 -21.52 16.15 -24.05
C GLU B 20 -21.25 15.08 -25.10
N VAL B 21 -20.06 14.51 -25.07
CA VAL B 21 -19.71 13.43 -25.98
C VAL B 21 -20.37 12.14 -25.53
N GLN B 22 -21.17 11.54 -26.40
CA GLN B 22 -21.81 10.27 -26.09
C GLN B 22 -21.55 9.24 -27.16
N LEU B 23 -21.03 8.09 -26.77
CA LEU B 23 -20.88 6.97 -27.67
C LEU B 23 -21.67 5.80 -27.10
N VAL B 24 -22.45 5.13 -27.94
CA VAL B 24 -23.26 4.00 -27.51
C VAL B 24 -23.14 2.84 -28.48
N GLU B 25 -22.49 1.76 -28.03
CA GLU B 25 -22.35 0.56 -28.84
C GLU B 25 -23.65 -0.22 -28.76
N SER B 26 -24.01 -0.89 -29.85
CA SER B 26 -25.10 -1.84 -29.83
C SER B 26 -24.80 -2.95 -30.82
N GLY B 27 -25.57 -4.02 -30.75
CA GLY B 27 -25.49 -5.07 -31.75
C GLY B 27 -24.75 -6.30 -31.22
N GLY B 28 -24.29 -6.22 -29.98
CA GLY B 28 -23.61 -7.36 -29.40
C GLY B 28 -24.60 -8.35 -28.82
N GLY B 29 -24.20 -9.63 -28.75
CA GLY B 29 -25.03 -10.65 -28.15
C GLY B 29 -24.41 -12.02 -28.37
N LEU B 30 -25.21 -13.06 -28.19
CA LEU B 30 -24.76 -14.44 -28.37
C LEU B 30 -24.83 -14.84 -29.84
N VAL B 31 -23.76 -15.42 -30.37
CA VAL B 31 -23.71 -15.77 -31.79
C VAL B 31 -22.93 -17.07 -31.96
N GLN B 32 -23.30 -17.86 -32.96
CA GLN B 32 -22.69 -19.16 -33.18
C GLN B 32 -21.27 -19.00 -33.69
N PRO B 33 -20.37 -19.89 -33.27
CA PRO B 33 -19.03 -19.88 -33.86
C PRO B 33 -19.13 -20.02 -35.36
N GLY B 34 -18.39 -19.19 -36.09
CA GLY B 34 -18.40 -19.22 -37.53
C GLY B 34 -19.41 -18.23 -38.06
N GLY B 35 -20.25 -17.69 -37.20
CA GLY B 35 -21.31 -16.78 -37.62
C GLY B 35 -20.82 -15.34 -37.73
N SER B 36 -21.74 -14.43 -38.01
CA SER B 36 -21.39 -13.04 -38.26
C SER B 36 -22.22 -12.13 -37.38
N LEU B 37 -21.69 -10.94 -37.11
CA LEU B 37 -22.37 -9.94 -36.33
C LEU B 37 -21.96 -8.59 -36.87
N ARG B 38 -22.80 -7.58 -36.71
CA ARG B 38 -22.38 -6.23 -37.04
C ARG B 38 -22.65 -5.30 -35.88
N LEU B 39 -21.60 -4.70 -35.33
CA LEU B 39 -21.78 -3.78 -34.23
C LEU B 39 -21.96 -2.35 -34.75
N SER B 40 -22.70 -1.55 -33.99
CA SER B 40 -22.92 -0.14 -34.31
C SER B 40 -22.49 0.70 -33.13
N CYS B 41 -21.96 1.88 -33.43
CA CYS B 41 -21.64 2.84 -32.40
C CYS B 41 -22.24 4.20 -32.78
N SER B 42 -23.25 4.63 -32.03
CA SER B 42 -23.90 5.90 -32.32
C SER B 42 -23.23 7.04 -31.57
N ALA B 43 -22.80 8.05 -32.30
CA ALA B 43 -22.02 9.13 -31.72
C ALA B 43 -22.81 10.41 -31.69
N SER B 44 -22.71 11.14 -30.59
CA SER B 44 -23.35 12.44 -30.47
C SER B 44 -22.46 13.42 -29.69
N GLY B 45 -22.77 14.71 -29.79
CA GLY B 45 -22.09 15.71 -28.99
C GLY B 45 -20.74 16.16 -29.50
N PHE B 46 -20.43 15.84 -30.76
CA PHE B 46 -19.19 16.32 -31.36
C PHE B 46 -19.26 16.23 -32.88
N SER B 47 -18.31 16.85 -33.57
CA SER B 47 -18.26 16.75 -35.03
C SER B 47 -17.66 15.41 -35.45
N PHE B 48 -18.53 14.45 -35.69
CA PHE B 48 -18.15 13.08 -35.98
C PHE B 48 -17.11 12.97 -37.09
N ASN B 49 -17.35 13.63 -38.21
CA ASN B 49 -16.45 13.51 -39.37
C ASN B 49 -15.09 14.17 -39.16
N SER B 50 -14.86 14.73 -37.98
CA SER B 50 -13.59 15.41 -37.69
C SER B 50 -12.56 14.54 -36.96
N PHE B 51 -12.91 13.31 -36.64
CA PHE B 51 -12.05 12.49 -35.77
C PHE B 51 -11.89 11.03 -36.23
N TRP B 52 -10.73 10.47 -35.95
CA TRP B 52 -10.55 9.04 -36.14
C TRP B 52 -11.46 8.34 -35.14
N MET B 53 -11.91 7.14 -35.51
CA MET B 53 -12.71 6.33 -34.60
C MET B 53 -12.08 4.95 -34.49
N HIS B 54 -12.19 4.35 -33.30
CA HIS B 54 -11.50 3.10 -33.00
C HIS B 54 -12.47 2.07 -32.42
N TRP B 55 -12.19 0.79 -32.67
CA TRP B 55 -12.81 -0.29 -31.88
C TRP B 55 -11.75 -0.97 -31.03
N VAL B 56 -12.06 -1.25 -29.77
CA VAL B 56 -11.14 -1.92 -28.85
C VAL B 56 -11.95 -3.00 -28.14
N ARG B 57 -11.36 -4.17 -27.87
CA ARG B 57 -12.12 -5.19 -27.14
C ARG B 57 -11.43 -5.62 -25.86
N GLN B 58 -12.18 -6.30 -25.00
CA GLN B 58 -11.64 -6.74 -23.74
C GLN B 58 -12.38 -7.99 -23.27
N VAL B 59 -11.67 -9.11 -23.17
CA VAL B 59 -12.29 -10.26 -22.50
C VAL B 59 -12.49 -9.89 -21.04
N PRO B 60 -13.69 -10.14 -20.50
CA PRO B 60 -13.87 -9.75 -19.09
C PRO B 60 -12.78 -10.33 -18.21
N GLY B 61 -12.23 -9.50 -17.33
CA GLY B 61 -11.17 -9.90 -16.44
C GLY B 61 -9.79 -9.80 -17.08
N LYS B 62 -9.75 -9.47 -18.37
CA LYS B 62 -8.46 -9.41 -19.06
C LYS B 62 -8.15 -8.02 -19.62
N GLY B 63 -7.16 -7.94 -20.48
CA GLY B 63 -6.62 -6.65 -20.90
C GLY B 63 -7.36 -6.05 -22.08
N LEU B 64 -7.04 -4.80 -22.38
CA LEU B 64 -7.57 -4.13 -23.55
C LEU B 64 -6.80 -4.62 -24.77
N VAL B 65 -7.51 -4.87 -25.87
CA VAL B 65 -6.89 -5.30 -27.11
C VAL B 65 -7.39 -4.42 -28.25
N TRP B 66 -6.49 -3.68 -28.87
CA TRP B 66 -6.87 -2.83 -29.98
C TRP B 66 -7.34 -3.66 -31.17
N ILE B 67 -8.47 -3.29 -31.74
CA ILE B 67 -9.10 -4.09 -32.81
C ILE B 67 -9.05 -3.43 -34.20
N SER B 68 -9.48 -2.18 -34.30
CA SER B 68 -9.55 -1.53 -35.61
C SER B 68 -9.60 -0.02 -35.49
N PHE B 69 -9.32 0.68 -36.59
CA PHE B 69 -9.59 2.11 -36.64
C PHE B 69 -9.89 2.56 -38.08
N THR B 70 -10.46 3.75 -38.21
CA THR B 70 -10.66 4.37 -39.51
C THR B 70 -10.34 5.85 -39.42
N ASN B 71 -9.76 6.43 -40.47
CA ASN B 71 -9.50 7.87 -40.43
C ASN B 71 -10.80 8.63 -40.65
N ASN B 72 -10.73 9.95 -40.79
CA ASN B 72 -11.93 10.78 -40.81
C ASN B 72 -12.95 10.39 -41.87
N GLU B 73 -12.49 10.06 -43.08
CA GLU B 73 -13.41 9.79 -44.18
C GLU B 73 -13.52 8.30 -44.47
N GLY B 74 -12.73 7.51 -43.76
CA GLY B 74 -12.78 6.07 -43.92
C GLY B 74 -12.00 5.63 -45.13
N THR B 75 -11.04 6.47 -45.53
CA THR B 75 -10.17 6.14 -46.65
C THR B 75 -8.92 5.40 -46.20
N THR B 76 -8.63 5.43 -44.90
CA THR B 76 -7.56 4.62 -44.33
C THR B 76 -8.09 3.84 -43.13
N THR B 77 -7.83 2.54 -43.11
CA THR B 77 -8.25 1.69 -41.99
C THR B 77 -7.12 0.73 -41.64
N ALA B 78 -7.20 0.10 -40.47
CA ALA B 78 -6.25 -0.94 -40.08
C ALA B 78 -6.93 -1.87 -39.07
N TYR B 79 -6.34 -3.05 -38.83
CA TYR B 79 -6.97 -4.11 -38.04
C TYR B 79 -5.92 -4.83 -37.22
N ALA B 80 -6.31 -5.34 -36.05
CA ALA B 80 -5.42 -6.23 -35.30
C ALA B 80 -5.13 -7.47 -36.14
N ASP B 81 -3.95 -8.06 -35.94
CA ASP B 81 -3.52 -9.21 -36.73
C ASP B 81 -4.57 -10.33 -36.65
N SER B 82 -5.18 -10.49 -35.48
CA SER B 82 -6.02 -11.66 -35.24
C SER B 82 -7.39 -11.55 -35.89
N VAL B 83 -7.76 -10.35 -36.34
CA VAL B 83 -9.04 -10.16 -37.02
C VAL B 83 -8.95 -9.70 -38.48
N ARG B 84 -7.75 -9.36 -38.93
CA ARG B 84 -7.59 -8.88 -40.30
C ARG B 84 -8.14 -9.93 -41.26
N GLY B 85 -8.93 -9.48 -42.23
CA GLY B 85 -9.54 -10.35 -43.22
C GLY B 85 -10.87 -10.94 -42.78
N ARG B 86 -11.23 -10.71 -41.52
CA ARG B 86 -12.49 -11.21 -40.97
C ARG B 86 -13.42 -10.08 -40.58
N PHE B 87 -12.84 -8.98 -40.12
CA PHE B 87 -13.61 -7.83 -39.66
C PHE B 87 -13.51 -6.72 -40.69
N ILE B 88 -14.57 -5.91 -40.77
CA ILE B 88 -14.54 -4.74 -41.63
C ILE B 88 -15.11 -3.56 -40.87
N ILE B 89 -14.29 -2.52 -40.70
CA ILE B 89 -14.76 -1.32 -40.05
C ILE B 89 -15.29 -0.37 -41.13
N SER B 90 -16.26 0.45 -40.78
CA SER B 90 -16.78 1.45 -41.71
C SER B 90 -17.45 2.54 -40.90
N ARG B 91 -17.72 3.67 -41.53
CA ARG B 91 -18.43 4.77 -40.88
C ARG B 91 -19.39 5.47 -41.83
N ASP B 92 -20.46 6.00 -41.28
CA ASP B 92 -21.41 6.77 -42.04
C ASP B 92 -21.45 8.16 -41.43
N ASN B 93 -20.71 9.10 -42.04
CA ASN B 93 -20.59 10.44 -41.46
C ASN B 93 -21.88 11.22 -41.41
N ALA B 94 -22.73 11.02 -42.42
CA ALA B 94 -24.03 11.67 -42.46
C ALA B 94 -24.91 11.21 -41.30
N LYS B 95 -24.66 10.01 -40.80
CA LYS B 95 -25.51 9.41 -39.77
C LYS B 95 -24.82 9.32 -38.41
N ASN B 96 -23.60 9.82 -38.31
CA ASN B 96 -22.91 9.83 -37.03
C ASN B 96 -22.78 8.42 -36.46
N THR B 97 -22.46 7.47 -37.32
CA THR B 97 -22.41 6.07 -36.90
C THR B 97 -21.18 5.35 -37.40
N LEU B 98 -20.55 4.62 -36.49
CA LEU B 98 -19.42 3.76 -36.80
C LEU B 98 -19.90 2.31 -36.76
N TYR B 99 -19.37 1.47 -37.65
CA TYR B 99 -19.73 0.07 -37.67
C TYR B 99 -18.54 -0.87 -37.60
N LEU B 100 -18.76 -2.07 -37.05
CA LEU B 100 -17.78 -3.14 -37.17
C LEU B 100 -18.50 -4.43 -37.58
N GLU B 101 -18.22 -4.86 -38.80
CA GLU B 101 -18.77 -6.10 -39.32
C GLU B 101 -17.79 -7.21 -38.95
N MET B 102 -18.29 -8.23 -38.28
CA MET B 102 -17.42 -9.29 -37.76
C MET B 102 -17.86 -10.60 -38.35
N ASN B 103 -16.96 -11.24 -39.10
CA ASN B 103 -17.30 -12.49 -39.77
C ASN B 103 -16.47 -13.65 -39.28
N ASN B 104 -16.95 -14.86 -39.53
CA ASN B 104 -16.28 -16.08 -39.09
C ASN B 104 -15.84 -16.02 -37.63
N LEU B 105 -16.76 -15.63 -36.76
CA LEU B 105 -16.43 -15.44 -35.35
C LEU B 105 -15.92 -16.71 -34.66
N ARG B 106 -14.95 -16.54 -33.77
CA ARG B 106 -14.35 -17.62 -33.00
C ARG B 106 -14.57 -17.36 -31.52
N GLY B 107 -14.43 -18.42 -30.73
CA GLY B 107 -14.48 -18.29 -29.28
C GLY B 107 -13.54 -17.21 -28.76
N GLU B 108 -12.41 -17.04 -29.43
CA GLU B 108 -11.42 -16.08 -28.95
C GLU B 108 -11.85 -14.64 -29.21
N ASP B 109 -12.93 -14.45 -29.98
CA ASP B 109 -13.48 -13.14 -30.26
C ASP B 109 -14.50 -12.71 -29.21
N THR B 110 -14.86 -13.62 -28.29
CA THR B 110 -15.73 -13.27 -27.17
C THR B 110 -15.11 -12.16 -26.32
N ALA B 111 -15.82 -11.06 -26.16
CA ALA B 111 -15.30 -9.89 -25.46
C ALA B 111 -16.33 -8.78 -25.40
N VAL B 112 -16.05 -7.79 -24.57
CA VAL B 112 -16.77 -6.52 -24.63
C VAL B 112 -16.08 -5.68 -25.68
N TYR B 113 -16.87 -5.11 -26.58
CA TYR B 113 -16.32 -4.29 -27.65
C TYR B 113 -16.65 -2.82 -27.40
N TYR B 114 -15.62 -1.97 -27.39
CA TYR B 114 -15.80 -0.54 -27.14
C TYR B 114 -15.53 0.23 -28.41
N CYS B 115 -16.30 1.27 -28.67
CA CYS B 115 -15.87 2.23 -29.68
C CYS B 115 -15.29 3.42 -28.94
N ALA B 116 -14.35 4.11 -29.57
CA ALA B 116 -13.67 5.20 -28.91
C ALA B 116 -13.33 6.28 -29.93
N ARG B 117 -13.48 7.53 -29.49
CA ARG B 117 -13.15 8.70 -30.32
C ARG B 117 -11.66 8.99 -30.18
N GLY B 118 -10.97 9.05 -31.31
CA GLY B 118 -9.55 9.37 -31.29
C GLY B 118 -9.32 10.87 -31.35
N ASP B 119 -8.44 11.35 -30.48
CA ASP B 119 -7.97 12.74 -30.55
C ASP B 119 -6.47 12.70 -30.24
N GLY B 120 -6.07 13.26 -29.11
CA GLY B 120 -4.71 13.06 -28.64
C GLY B 120 -4.49 11.59 -28.30
N GLY B 121 -5.51 10.98 -27.69
CA GLY B 121 -5.51 9.55 -27.39
C GLY B 121 -6.82 8.94 -27.84
N LEU B 122 -7.25 7.85 -27.20
CA LEU B 122 -8.63 7.39 -27.36
C LEU B 122 -9.38 8.07 -26.24
N ASP B 123 -9.95 9.23 -26.56
CA ASP B 123 -10.34 10.21 -25.53
C ASP B 123 -11.68 9.90 -24.88
N ASP B 124 -12.59 9.32 -25.65
CA ASP B 124 -13.92 9.03 -25.14
C ASP B 124 -14.27 7.59 -25.52
N TRP B 125 -14.95 6.89 -24.61
CA TRP B 125 -15.26 5.47 -24.78
C TRP B 125 -16.74 5.21 -24.49
N GLY B 126 -17.36 4.31 -25.23
CA GLY B 126 -18.72 3.89 -24.94
C GLY B 126 -18.74 2.97 -23.73
N GLN B 127 -19.93 2.51 -23.32
CA GLN B 127 -20.02 1.55 -22.21
C GLN B 127 -19.62 0.12 -22.65
N GLY B 128 -19.58 -0.11 -23.96
CA GLY B 128 -19.16 -1.40 -24.49
C GLY B 128 -20.35 -2.31 -24.75
N THR B 129 -20.20 -3.24 -25.69
CA THR B 129 -21.24 -4.25 -25.92
C THR B 129 -20.63 -5.65 -25.92
N LEU B 130 -21.25 -6.57 -25.20
CA LEU B 130 -20.72 -7.92 -25.03
C LEU B 130 -21.04 -8.83 -26.19
N VAL B 131 -19.99 -9.41 -26.77
CA VAL B 131 -20.15 -10.41 -27.81
C VAL B 131 -19.73 -11.76 -27.25
N THR B 132 -20.65 -12.72 -27.29
CA THR B 132 -20.39 -14.07 -26.81
C THR B 132 -20.47 -15.02 -27.99
N VAL B 133 -19.34 -15.63 -28.32
CA VAL B 133 -19.29 -16.58 -29.42
C VAL B 133 -19.34 -17.97 -28.84
N SER B 134 -20.48 -18.64 -28.99
CA SER B 134 -20.72 -19.94 -28.36
C SER B 134 -21.89 -20.67 -29.01
N SER B 135 -21.88 -22.00 -28.96
CA SER B 135 -23.00 -22.80 -29.44
C SER B 135 -23.98 -23.18 -28.32
N ALA B 136 -23.72 -22.68 -27.11
CA ALA B 136 -24.58 -22.93 -25.96
C ALA B 136 -25.87 -22.12 -26.02
N SER B 137 -26.93 -22.68 -25.45
CA SER B 137 -28.26 -22.06 -25.50
C SER B 137 -28.42 -20.93 -24.47
N THR B 138 -29.22 -19.94 -24.84
CA THR B 138 -29.64 -18.90 -23.91
C THR B 138 -30.51 -19.53 -22.85
N LYS B 139 -30.26 -19.20 -21.59
CA LYS B 139 -31.08 -19.68 -20.48
C LYS B 139 -31.22 -18.60 -19.40
N GLY B 140 -32.45 -18.34 -18.97
CA GLY B 140 -32.71 -17.32 -17.96
C GLY B 140 -32.47 -17.88 -16.57
N PRO B 141 -32.13 -17.01 -15.61
CA PRO B 141 -31.73 -17.46 -14.27
C PRO B 141 -32.92 -17.81 -13.38
N SER B 142 -32.68 -18.64 -12.38
CA SER B 142 -33.63 -18.72 -11.28
C SER B 142 -33.12 -17.70 -10.25
N VAL B 143 -34.02 -17.08 -9.51
CA VAL B 143 -33.66 -16.10 -8.51
C VAL B 143 -34.14 -16.53 -7.13
N PHE B 144 -33.20 -16.82 -6.24
CA PHE B 144 -33.51 -17.33 -4.92
C PHE B 144 -33.16 -16.31 -3.84
N PRO B 145 -33.91 -16.30 -2.73
CA PRO B 145 -33.57 -15.38 -1.64
C PRO B 145 -32.41 -15.91 -0.81
N LEU B 146 -31.61 -14.99 -0.29
CA LEU B 146 -30.63 -15.31 0.75
C LEU B 146 -31.19 -14.71 2.03
N ALA B 147 -31.76 -15.55 2.88
CA ALA B 147 -32.56 -15.07 4.00
C ALA B 147 -31.70 -14.39 5.05
N PRO B 148 -32.15 -13.22 5.54
CA PRO B 148 -31.46 -12.45 6.59
C PRO B 148 -30.87 -13.34 7.68
N SER B 149 -29.66 -13.01 8.10
CA SER B 149 -28.93 -13.88 9.02
CA SER B 149 -28.86 -13.82 9.03
C SER B 149 -29.25 -13.63 10.50
N SER B 150 -29.97 -12.55 10.79
CA SER B 150 -30.34 -12.20 12.16
C SER B 150 -31.86 -12.22 12.39
N GLY B 156 -27.83 -5.78 15.87
CA GLY B 156 -26.70 -5.17 15.20
C GLY B 156 -26.95 -5.04 13.70
N THR B 157 -26.04 -5.58 12.90
CA THR B 157 -26.21 -5.57 11.45
C THR B 157 -26.61 -6.95 10.94
N ALA B 158 -27.43 -6.96 9.89
CA ALA B 158 -27.82 -8.20 9.25
C ALA B 158 -27.47 -8.19 7.75
N ALA B 159 -27.20 -9.37 7.21
CA ALA B 159 -26.94 -9.53 5.78
C ALA B 159 -28.07 -10.32 5.10
N LEU B 160 -28.45 -9.87 3.91
CA LEU B 160 -29.45 -10.57 3.10
C LEU B 160 -29.11 -10.39 1.63
N GLY B 161 -29.65 -11.25 0.77
CA GLY B 161 -29.35 -11.13 -0.64
C GLY B 161 -30.20 -11.94 -1.59
N CYS B 162 -29.69 -12.07 -2.82
CA CYS B 162 -30.32 -12.81 -3.89
C CYS B 162 -29.26 -13.60 -4.62
N LEU B 163 -29.56 -14.88 -4.84
CA LEU B 163 -28.71 -15.77 -5.60
C LEU B 163 -29.29 -15.87 -7.01
N VAL B 164 -28.51 -15.47 -8.02
CA VAL B 164 -29.05 -15.46 -9.39
C VAL B 164 -28.35 -16.62 -10.08
N LYS B 165 -29.07 -17.73 -10.20
CA LYS B 165 -28.45 -19.00 -10.55
C LYS B 165 -28.81 -19.53 -11.93
N ASP B 166 -27.81 -20.08 -12.60
CA ASP B 166 -27.98 -20.90 -13.79
C ASP B 166 -28.45 -20.13 -15.01
N TYR B 167 -27.65 -19.18 -15.46
CA TYR B 167 -27.99 -18.45 -16.66
C TYR B 167 -26.87 -18.45 -17.67
N PHE B 168 -27.22 -18.15 -18.92
CA PHE B 168 -26.29 -18.01 -20.03
C PHE B 168 -26.98 -17.19 -21.13
N PRO B 169 -26.25 -16.32 -21.82
CA PRO B 169 -24.85 -15.93 -21.60
C PRO B 169 -24.81 -14.82 -20.54
N GLU B 170 -23.65 -14.19 -20.31
CA GLU B 170 -23.64 -12.97 -19.51
CA GLU B 170 -23.63 -12.97 -19.50
C GLU B 170 -24.25 -11.87 -20.36
N PRO B 171 -24.63 -10.73 -19.74
CA PRO B 171 -24.54 -10.35 -18.33
C PRO B 171 -25.89 -10.35 -17.64
N VAL B 172 -25.86 -10.27 -16.31
CA VAL B 172 -27.04 -9.98 -15.51
C VAL B 172 -26.79 -8.66 -14.81
N THR B 173 -27.84 -7.86 -14.61
CA THR B 173 -27.76 -6.72 -13.69
C THR B 173 -28.67 -6.91 -12.49
N VAL B 174 -28.26 -6.40 -11.33
CA VAL B 174 -29.09 -6.48 -10.14
C VAL B 174 -29.13 -5.13 -9.46
N SER B 175 -30.31 -4.74 -8.99
CA SER B 175 -30.40 -3.60 -8.09
C SER B 175 -31.32 -3.95 -6.92
N TRP B 176 -31.40 -3.05 -5.94
CA TRP B 176 -32.20 -3.29 -4.76
C TRP B 176 -33.19 -2.15 -4.58
N ASN B 177 -34.42 -2.48 -4.25
CA ASN B 177 -35.48 -1.48 -4.10
C ASN B 177 -35.43 -0.46 -5.23
N SER B 178 -35.39 -0.97 -6.46
CA SER B 178 -35.40 -0.15 -7.67
C SER B 178 -34.28 0.90 -7.73
N GLY B 179 -33.21 0.64 -6.99
CA GLY B 179 -32.06 1.51 -7.02
C GLY B 179 -32.03 2.45 -5.83
N ALA B 180 -33.05 2.38 -5.00
CA ALA B 180 -33.13 3.21 -3.82
C ALA B 180 -32.13 2.75 -2.77
N LEU B 181 -31.78 1.46 -2.79
CA LEU B 181 -30.80 0.92 -1.84
C LEU B 181 -29.46 0.64 -2.54
N THR B 182 -28.44 1.42 -2.21
CA THR B 182 -27.14 1.28 -2.86
C THR B 182 -26.02 1.10 -1.84
N SER B 183 -26.14 1.79 -0.71
CA SER B 183 -25.15 1.67 0.34
C SER B 183 -25.07 0.24 0.89
N GLY B 184 -23.86 -0.30 0.97
CA GLY B 184 -23.66 -1.63 1.55
C GLY B 184 -23.93 -2.79 0.61
N VAL B 185 -24.26 -2.47 -0.63
CA VAL B 185 -24.58 -3.50 -1.64
C VAL B 185 -23.34 -4.03 -2.30
N HIS B 186 -23.17 -5.36 -2.26
CA HIS B 186 -22.09 -6.00 -2.99
C HIS B 186 -22.67 -6.98 -4.01
N THR B 187 -22.49 -6.66 -5.29
CA THR B 187 -22.91 -7.57 -6.35
C THR B 187 -21.66 -8.23 -6.90
N PHE B 188 -21.51 -9.51 -6.57
CA PHE B 188 -20.31 -10.27 -6.93
C PHE B 188 -20.20 -10.59 -8.41
N PRO B 189 -18.97 -10.60 -8.93
CA PRO B 189 -18.74 -11.08 -10.29
C PRO B 189 -19.30 -12.49 -10.47
N ALA B 190 -19.87 -12.75 -11.64
CA ALA B 190 -20.43 -14.07 -11.91
C ALA B 190 -19.34 -15.13 -11.94
N VAL B 191 -19.68 -16.36 -11.56
CA VAL B 191 -18.79 -17.51 -11.67
CA VAL B 191 -18.77 -17.48 -11.71
C VAL B 191 -19.36 -18.51 -12.67
N LEU B 192 -18.51 -19.06 -13.53
CA LEU B 192 -18.92 -20.11 -14.45
C LEU B 192 -18.94 -21.41 -13.64
N GLN B 193 -20.08 -22.08 -13.61
CA GLN B 193 -20.21 -23.31 -12.83
C GLN B 193 -19.79 -24.53 -13.61
N SER B 194 -19.74 -25.67 -12.92
CA SER B 194 -19.46 -26.94 -13.57
C SER B 194 -20.39 -27.25 -14.73
N SER B 195 -21.65 -26.81 -14.61
CA SER B 195 -22.64 -27.08 -15.67
C SER B 195 -22.39 -26.25 -16.91
N GLY B 196 -21.54 -25.25 -16.80
CA GLY B 196 -21.31 -24.31 -17.90
C GLY B 196 -22.32 -23.15 -17.91
N LEU B 197 -23.08 -23.05 -16.83
CA LEU B 197 -23.99 -21.92 -16.61
C LEU B 197 -23.43 -20.99 -15.54
N TYR B 198 -23.71 -19.69 -15.66
CA TYR B 198 -23.21 -18.71 -14.71
C TYR B 198 -24.11 -18.60 -13.50
N SER B 199 -23.53 -18.09 -12.43
CA SER B 199 -24.28 -17.83 -11.21
C SER B 199 -23.62 -16.63 -10.53
N LEU B 200 -24.45 -15.75 -9.97
CA LEU B 200 -23.92 -14.68 -9.16
C LEU B 200 -24.81 -14.40 -7.96
N SER B 201 -24.26 -13.67 -7.00
CA SER B 201 -24.99 -13.28 -5.82
C SER B 201 -24.91 -11.78 -5.67
N SER B 202 -25.96 -11.21 -5.13
CA SER B 202 -25.91 -9.82 -4.72
C SER B 202 -26.35 -9.84 -3.27
N VAL B 203 -25.57 -9.23 -2.40
CA VAL B 203 -25.92 -9.12 -1.00
C VAL B 203 -25.92 -7.66 -0.57
N VAL B 204 -26.49 -7.39 0.60
CA VAL B 204 -26.40 -6.08 1.21
C VAL B 204 -26.51 -6.21 2.73
N THR B 205 -25.78 -5.38 3.45
CA THR B 205 -25.87 -5.38 4.90
C THR B 205 -26.74 -4.21 5.36
N VAL B 206 -27.61 -4.48 6.33
CA VAL B 206 -28.52 -3.45 6.84
C VAL B 206 -28.69 -3.62 8.35
N PRO B 207 -29.22 -2.60 9.02
CA PRO B 207 -29.42 -2.74 10.48
C PRO B 207 -30.43 -3.85 10.78
N SER B 208 -30.10 -4.75 11.70
CA SER B 208 -30.97 -5.88 12.01
C SER B 208 -32.39 -5.43 12.32
N SER B 209 -32.52 -4.23 12.89
CA SER B 209 -33.82 -3.68 13.24
C SER B 209 -34.71 -3.43 12.02
N SER B 210 -34.11 -3.06 10.89
CA SER B 210 -34.88 -2.71 9.70
C SER B 210 -35.54 -3.93 9.07
N LEU B 211 -35.13 -5.11 9.51
CA LEU B 211 -35.76 -6.35 9.04
C LEU B 211 -37.24 -6.37 9.43
N GLY B 212 -37.57 -5.72 10.54
CA GLY B 212 -38.94 -5.69 11.03
C GLY B 212 -39.80 -4.65 10.36
N THR B 213 -39.17 -3.70 9.68
CA THR B 213 -39.87 -2.51 9.21
C THR B 213 -39.70 -2.23 7.72
N GLN B 214 -38.64 -2.78 7.12
CA GLN B 214 -38.29 -2.45 5.74
C GLN B 214 -38.45 -3.62 4.78
N THR B 215 -39.01 -3.33 3.61
CA THR B 215 -39.19 -4.32 2.56
C THR B 215 -37.97 -4.30 1.63
N TYR B 216 -37.39 -5.47 1.38
CA TYR B 216 -36.23 -5.54 0.50
C TYR B 216 -36.47 -6.43 -0.72
N ILE B 217 -36.30 -5.85 -1.91
CA ILE B 217 -36.48 -6.54 -3.17
C ILE B 217 -35.29 -6.37 -4.13
N CYS B 218 -34.68 -7.48 -4.54
CA CYS B 218 -33.66 -7.39 -5.59
C CYS B 218 -34.32 -7.41 -6.95
N ASN B 219 -33.93 -6.47 -7.80
CA ASN B 219 -34.40 -6.43 -9.17
C ASN B 219 -33.36 -6.99 -10.14
N VAL B 220 -33.65 -8.17 -10.66
CA VAL B 220 -32.73 -8.86 -11.56
C VAL B 220 -33.17 -8.68 -13.01
N ASN B 221 -32.20 -8.41 -13.89
CA ASN B 221 -32.47 -8.35 -15.31
C ASN B 221 -31.43 -9.15 -16.09
N HIS B 222 -31.89 -10.20 -16.77
CA HIS B 222 -31.05 -10.92 -17.72
C HIS B 222 -31.62 -10.63 -19.10
N LYS B 223 -31.19 -9.52 -19.69
CA LYS B 223 -31.67 -9.12 -21.01
C LYS B 223 -31.51 -10.16 -22.12
N PRO B 224 -30.39 -10.90 -22.12
CA PRO B 224 -30.21 -11.91 -23.20
C PRO B 224 -31.34 -12.93 -23.27
N SER B 225 -32.04 -13.17 -22.15
CA SER B 225 -33.16 -14.15 -22.17
C SER B 225 -34.49 -13.46 -21.91
N ASN B 226 -34.48 -12.14 -21.91
CA ASN B 226 -35.68 -11.36 -21.61
C ASN B 226 -36.25 -11.67 -20.22
N THR B 227 -35.38 -12.00 -19.27
CA THR B 227 -35.83 -12.38 -17.94
C THR B 227 -35.67 -11.21 -16.96
N LYS B 228 -36.79 -10.71 -16.48
CA LYS B 228 -36.77 -9.64 -15.49
C LYS B 228 -37.53 -10.14 -14.26
N VAL B 229 -36.89 -10.07 -13.08
CA VAL B 229 -37.47 -10.62 -11.86
C VAL B 229 -37.27 -9.67 -10.67
N ASP B 230 -38.31 -9.54 -9.85
CA ASP B 230 -38.24 -8.78 -8.60
C ASP B 230 -38.54 -9.73 -7.46
N LYS B 231 -37.53 -10.04 -6.64
CA LYS B 231 -37.68 -11.06 -5.61
C LYS B 231 -37.63 -10.46 -4.21
N LYS B 232 -38.75 -10.54 -3.49
CA LYS B 232 -38.83 -10.08 -2.11
C LYS B 232 -37.98 -10.96 -1.22
N VAL B 233 -37.09 -10.35 -0.44
CA VAL B 233 -36.26 -11.11 0.48
C VAL B 233 -36.68 -10.81 1.92
N GLU B 234 -37.19 -11.82 2.62
CA GLU B 234 -37.72 -11.61 3.95
C GLU B 234 -37.37 -12.77 4.88
N PRO B 235 -37.40 -12.53 6.20
CA PRO B 235 -37.10 -13.59 7.18
C PRO B 235 -38.07 -14.75 7.07
CA GLU C 20 -4.92 -8.38 14.74
C GLU C 20 -3.91 -8.58 15.87
N VAL C 21 -2.77 -9.16 15.54
CA VAL C 21 -1.72 -9.45 16.51
C VAL C 21 -1.09 -8.18 17.10
N GLN C 22 -1.09 -8.09 18.43
CA GLN C 22 -0.46 -6.97 19.12
C GLN C 22 0.54 -7.47 20.17
N LEU C 23 1.76 -6.97 20.09
CA LEU C 23 2.78 -7.26 21.11
C LEU C 23 3.25 -5.95 21.71
N VAL C 24 3.24 -5.85 23.05
CA VAL C 24 3.60 -4.63 23.74
C VAL C 24 4.71 -4.87 24.77
N GLU C 25 5.91 -4.38 24.48
CA GLU C 25 7.03 -4.51 25.41
C GLU C 25 6.97 -3.44 26.48
N SER C 26 7.48 -3.77 27.66
CA SER C 26 7.56 -2.81 28.75
C SER C 26 8.65 -3.22 29.73
N GLY C 27 8.99 -2.33 30.65
CA GLY C 27 9.99 -2.61 31.66
C GLY C 27 11.37 -2.05 31.34
N GLY C 28 11.52 -1.41 30.20
CA GLY C 28 12.78 -0.80 29.84
C GLY C 28 12.96 0.53 30.55
N GLY C 29 14.19 1.03 30.58
CA GLY C 29 14.45 2.30 31.22
C GLY C 29 15.93 2.46 31.48
N LEU C 30 16.26 3.45 32.29
CA LEU C 30 17.64 3.75 32.61
C LEU C 30 18.06 2.93 33.83
N VAL C 31 19.19 2.25 33.74
CA VAL C 31 19.67 1.43 34.83
C VAL C 31 21.19 1.56 34.97
N GLN C 32 21.69 1.49 36.21
CA GLN C 32 23.13 1.53 36.47
C GLN C 32 23.85 0.33 35.85
N PRO C 33 25.11 0.54 35.42
CA PRO C 33 25.96 -0.59 35.03
C PRO C 33 26.05 -1.61 36.16
N GLY C 34 25.91 -2.89 35.83
CA GLY C 34 25.90 -3.94 36.83
C GLY C 34 24.51 -4.25 37.35
N GLY C 35 23.54 -3.42 37.00
CA GLY C 35 22.19 -3.58 37.52
C GLY C 35 21.39 -4.63 36.77
N SER C 36 20.11 -4.74 37.12
CA SER C 36 19.22 -5.74 36.53
C SER C 36 17.92 -5.10 36.05
N LEU C 37 17.27 -5.72 35.08
CA LEU C 37 15.92 -5.33 34.69
C LEU C 37 15.13 -6.56 34.34
N ARG C 38 13.81 -6.41 34.28
CA ARG C 38 12.99 -7.45 33.68
C ARG C 38 12.05 -6.85 32.68
N LEU C 39 12.20 -7.24 31.42
CA LEU C 39 11.28 -6.81 30.38
C LEU C 39 10.08 -7.74 30.31
N SER C 40 8.96 -7.19 29.87
CA SER C 40 7.75 -7.96 29.68
C SER C 40 7.23 -7.68 28.29
N CYS C 41 6.56 -8.67 27.71
CA CYS C 41 5.91 -8.48 26.43
C CYS C 41 4.53 -9.11 26.53
N SER C 42 3.49 -8.29 26.40
CA SER C 42 2.14 -8.83 26.50
C SER C 42 1.54 -9.00 25.11
N ALA C 43 0.99 -10.19 24.88
CA ALA C 43 0.51 -10.55 23.55
C ALA C 43 -1.00 -10.60 23.53
N SER C 44 -1.57 -10.23 22.39
CA SER C 44 -2.99 -10.38 22.17
C SER C 44 -3.24 -10.59 20.67
N GLY C 45 -4.44 -11.05 20.32
CA GLY C 45 -4.82 -11.18 18.93
C GLY C 45 -4.35 -12.48 18.29
N PHE C 46 -3.79 -13.38 19.10
CA PHE C 46 -3.42 -14.70 18.62
C PHE C 46 -3.28 -15.69 19.77
N SER C 47 -3.24 -16.98 19.43
CA SER C 47 -3.10 -18.04 20.42
C SER C 47 -1.66 -18.15 20.86
N PHE C 48 -1.35 -17.50 21.99
CA PHE C 48 0.01 -17.29 22.45
C PHE C 48 0.79 -18.59 22.61
N ASN C 49 0.13 -19.64 23.10
CA ASN C 49 0.83 -20.90 23.40
C ASN C 49 1.14 -21.75 22.17
N SER C 50 0.75 -21.28 20.99
CA SER C 50 0.95 -22.03 19.77
C SER C 50 2.18 -21.57 18.99
N PHE C 51 2.94 -20.61 19.54
CA PHE C 51 4.08 -20.07 18.80
C PHE C 51 5.33 -19.84 19.64
N TRP C 52 6.47 -20.02 19.00
CA TRP C 52 7.74 -19.60 19.54
C TRP C 52 7.75 -18.09 19.70
N MET C 53 8.54 -17.60 20.65
CA MET C 53 8.65 -16.16 20.89
C MET C 53 10.11 -15.76 21.00
N HIS C 54 10.47 -14.59 20.45
CA HIS C 54 11.86 -14.16 20.42
C HIS C 54 12.07 -12.78 21.02
N TRP C 55 13.28 -12.54 21.50
CA TRP C 55 13.73 -11.17 21.80
C TRP C 55 14.88 -10.79 20.86
N VAL C 56 14.84 -9.57 20.34
CA VAL C 56 15.90 -9.08 19.47
C VAL C 56 16.17 -7.64 19.90
N ARG C 57 17.43 -7.19 19.83
CA ARG C 57 17.72 -5.79 20.20
C ARG C 57 18.39 -4.99 19.09
N GLN C 58 18.49 -3.68 19.29
CA GLN C 58 19.05 -2.81 18.27
C GLN C 58 19.51 -1.51 18.91
N VAL C 59 20.80 -1.22 18.80
CA VAL C 59 21.28 0.10 19.19
C VAL C 59 20.74 1.08 18.17
N PRO C 60 20.17 2.20 18.65
CA PRO C 60 19.61 3.16 17.71
C PRO C 60 20.63 3.51 16.62
N GLY C 61 20.18 3.50 15.37
CA GLY C 61 21.05 3.80 14.25
C GLY C 61 21.90 2.63 13.81
N LYS C 62 21.81 1.51 14.52
CA LYS C 62 22.60 0.32 14.17
C LYS C 62 21.75 -0.90 13.75
N GLY C 63 22.37 -2.08 13.70
CA GLY C 63 21.72 -3.27 13.19
C GLY C 63 20.94 -4.13 14.19
N LEU C 64 20.16 -5.07 13.69
CA LEU C 64 19.39 -5.98 14.53
C LEU C 64 20.29 -7.07 15.06
N VAL C 65 20.17 -7.36 16.36
CA VAL C 65 20.91 -8.44 16.98
C VAL C 65 19.96 -9.39 17.70
N TRP C 66 19.94 -10.64 17.27
CA TRP C 66 19.06 -11.62 17.90
C TRP C 66 19.55 -11.91 19.33
N ILE C 67 18.62 -12.00 20.26
CA ILE C 67 18.99 -12.09 21.68
C ILE C 67 18.62 -13.42 22.32
N SER C 68 17.41 -13.90 22.08
CA SER C 68 16.94 -15.11 22.76
C SER C 68 15.63 -15.57 22.17
N PHE C 69 15.25 -16.82 22.42
CA PHE C 69 13.94 -17.30 22.05
C PHE C 69 13.53 -18.43 22.97
N THR C 70 12.23 -18.73 22.97
CA THR C 70 11.70 -19.90 23.68
C THR C 70 10.65 -20.61 22.83
N ASN C 71 10.58 -21.94 22.96
CA ASN C 71 9.58 -22.68 22.20
C ASN C 71 8.20 -22.51 22.84
N ASN C 72 7.18 -23.14 22.26
CA ASN C 72 5.81 -22.95 22.71
C ASN C 72 5.65 -23.05 24.23
N GLU C 73 6.27 -24.06 24.82
CA GLU C 73 6.06 -24.37 26.24
C GLU C 73 7.16 -23.90 27.16
N GLY C 74 8.24 -23.37 26.58
CA GLY C 74 9.34 -22.86 27.37
C GLY C 74 10.36 -23.93 27.75
N THR C 75 10.23 -25.09 27.10
CA THR C 75 11.09 -26.24 27.36
C THR C 75 12.45 -26.09 26.71
N THR C 76 12.51 -25.29 25.64
CA THR C 76 13.77 -25.04 24.95
C THR C 76 13.99 -23.53 24.86
N THR C 77 15.20 -23.09 25.19
CA THR C 77 15.55 -21.69 25.10
C THR C 77 16.96 -21.58 24.59
N ALA C 78 17.29 -20.43 24.00
CA ALA C 78 18.66 -20.18 23.57
C ALA C 78 18.95 -18.69 23.69
N TYR C 79 20.24 -18.35 23.70
CA TYR C 79 20.68 -16.97 23.88
C TYR C 79 21.81 -16.59 22.94
N ALA C 80 21.93 -15.30 22.62
CA ALA C 80 23.11 -14.81 21.90
C ALA C 80 24.35 -15.04 22.76
N ASP C 81 25.51 -15.14 22.12
CA ASP C 81 26.77 -15.37 22.84
C ASP C 81 27.00 -14.34 23.95
N SER C 82 26.87 -13.06 23.63
CA SER C 82 27.24 -11.99 24.55
C SER C 82 26.32 -11.84 25.78
N VAL C 83 25.19 -12.52 25.78
CA VAL C 83 24.28 -12.43 26.92
C VAL C 83 24.07 -13.76 27.67
N ARG C 84 24.58 -14.85 27.12
CA ARG C 84 24.41 -16.15 27.76
C ARG C 84 25.00 -16.08 29.18
N GLY C 85 24.24 -16.56 30.16
CA GLY C 85 24.69 -16.50 31.54
C GLY C 85 24.21 -15.29 32.34
N ARG C 86 23.71 -14.25 31.64
CA ARG C 86 23.23 -13.03 32.30
C ARG C 86 21.73 -12.82 32.08
N PHE C 87 21.20 -13.31 30.97
CA PHE C 87 19.80 -13.10 30.63
C PHE C 87 19.01 -14.39 30.81
N ILE C 88 17.75 -14.28 31.24
CA ILE C 88 16.87 -15.44 31.29
C ILE C 88 15.55 -15.12 30.61
N ILE C 89 15.22 -15.87 29.56
CA ILE C 89 13.93 -15.72 28.91
C ILE C 89 12.92 -16.65 29.62
N SER C 90 11.65 -16.23 29.69
CA SER C 90 10.59 -17.11 30.19
C SER C 90 9.24 -16.67 29.66
N ARG C 91 8.24 -17.53 29.77
CA ARG C 91 6.90 -17.17 29.32
C ARG C 91 5.84 -17.69 30.28
N ASP C 92 4.68 -17.06 30.25
CA ASP C 92 3.55 -17.50 31.08
C ASP C 92 2.35 -17.63 30.15
N ASN C 93 2.12 -18.86 29.68
CA ASN C 93 1.12 -19.08 28.66
C ASN C 93 -0.28 -18.80 29.16
N ALA C 94 -0.45 -18.84 30.48
CA ALA C 94 -1.75 -18.50 31.08
C ALA C 94 -2.02 -17.01 31.02
N LYS C 95 -0.95 -16.22 31.03
CA LYS C 95 -1.06 -14.76 31.11
C LYS C 95 -0.77 -14.05 29.79
N ASN C 96 -0.52 -14.82 28.72
CA ASN C 96 -0.15 -14.26 27.44
C ASN C 96 1.03 -13.30 27.58
N THR C 97 2.01 -13.68 28.39
CA THR C 97 3.14 -12.79 28.65
C THR C 97 4.49 -13.48 28.47
N LEU C 98 5.41 -12.78 27.82
CA LEU C 98 6.80 -13.22 27.66
C LEU C 98 7.72 -12.33 28.48
N TYR C 99 8.76 -12.90 29.08
CA TYR C 99 9.67 -12.13 29.91
C TYR C 99 11.10 -12.24 29.45
N LEU C 100 11.89 -11.21 29.75
CA LEU C 100 13.35 -11.28 29.64
C LEU C 100 14.01 -10.71 30.88
N GLU C 101 14.59 -11.58 31.71
CA GLU C 101 15.37 -11.15 32.85
C GLU C 101 16.81 -10.82 32.43
N MET C 102 17.27 -9.63 32.76
CA MET C 102 18.58 -9.16 32.32
C MET C 102 19.42 -8.78 33.52
N ASN C 103 20.53 -9.49 33.75
CA ASN C 103 21.40 -9.23 34.89
C ASN C 103 22.78 -8.71 34.51
N ASN C 104 23.45 -8.09 35.47
CA ASN C 104 24.81 -7.62 35.27
C ASN C 104 24.95 -6.87 33.95
N LEU C 105 24.10 -5.87 33.78
CA LEU C 105 24.03 -5.13 32.53
C LEU C 105 25.28 -4.26 32.32
N ARG C 106 25.64 -4.08 31.06
CA ARG C 106 26.78 -3.26 30.69
C ARG C 106 26.36 -2.26 29.62
N GLY C 107 27.22 -1.28 29.36
CA GLY C 107 26.92 -0.24 28.39
C GLY C 107 26.56 -0.80 27.03
N GLU C 108 27.16 -1.93 26.67
CA GLU C 108 26.92 -2.57 25.37
C GLU C 108 25.53 -3.23 25.28
N ASP C 109 24.84 -3.34 26.41
CA ASP C 109 23.48 -3.85 26.42
C ASP C 109 22.45 -2.74 26.13
N THR C 110 22.90 -1.49 26.14
CA THR C 110 22.01 -0.38 25.77
C THR C 110 21.44 -0.59 24.38
N ALA C 111 20.12 -0.57 24.25
CA ALA C 111 19.48 -0.83 22.97
C ALA C 111 17.96 -0.79 23.09
N VAL C 112 17.29 -0.74 21.94
CA VAL C 112 15.85 -0.99 21.92
C VAL C 112 15.69 -2.51 21.91
N TYR C 113 14.84 -3.01 22.81
CA TYR C 113 14.55 -4.46 22.84
C TYR C 113 13.16 -4.75 22.31
N TYR C 114 13.08 -5.68 21.35
CA TYR C 114 11.82 -6.02 20.69
C TYR C 114 11.46 -7.43 21.07
N CYS C 115 10.16 -7.69 21.25
CA CYS C 115 9.75 -9.08 21.20
C CYS C 115 9.08 -9.36 19.86
N ALA C 116 9.06 -10.63 19.46
CA ALA C 116 8.52 -10.97 18.16
C ALA C 116 7.95 -12.37 18.22
N ARG C 117 6.80 -12.56 17.59
CA ARG C 117 6.19 -13.88 17.46
C ARG C 117 6.82 -14.66 16.30
N GLY C 118 7.31 -15.86 16.57
CA GLY C 118 7.85 -16.70 15.52
C GLY C 118 6.80 -17.51 14.80
N ASP C 119 6.85 -17.53 13.47
CA ASP C 119 5.94 -18.35 12.68
C ASP C 119 6.48 -18.57 11.27
N GLY C 120 7.60 -19.25 11.15
CA GLY C 120 8.20 -19.34 9.83
C GLY C 120 9.24 -18.26 9.70
N GLY C 121 8.94 -17.06 10.22
CA GLY C 121 9.94 -16.03 10.42
C GLY C 121 9.61 -15.31 11.72
N LEU C 122 10.23 -14.17 11.98
CA LEU C 122 9.75 -13.35 13.10
C LEU C 122 8.63 -12.46 12.56
N ASP C 123 7.41 -12.96 12.72
CA ASP C 123 6.28 -12.51 11.90
C ASP C 123 5.63 -11.21 12.36
N ASP C 124 5.68 -10.96 13.67
CA ASP C 124 5.10 -9.75 14.25
C ASP C 124 6.10 -9.23 15.29
N TRP C 125 6.25 -7.91 15.34
CA TRP C 125 7.22 -7.27 16.24
C TRP C 125 6.51 -6.19 17.06
N GLY C 126 6.88 -6.07 18.33
CA GLY C 126 6.39 -4.97 19.15
C GLY C 126 7.04 -3.66 18.75
N GLN C 127 6.69 -2.57 19.43
CA GLN C 127 7.27 -1.28 19.13
C GLN C 127 8.65 -1.17 19.76
N GLY C 128 8.92 -2.04 20.73
CA GLY C 128 10.21 -2.08 21.39
C GLY C 128 10.24 -1.21 22.63
N THR C 129 11.11 -1.57 23.57
CA THR C 129 11.30 -0.79 24.77
C THR C 129 12.80 -0.46 24.91
N LEU C 130 13.13 0.80 25.20
CA LEU C 130 14.53 1.20 25.29
C LEU C 130 15.15 0.93 26.65
N VAL C 131 16.28 0.22 26.64
CA VAL C 131 17.08 -0.02 27.82
C VAL C 131 18.34 0.82 27.71
N THR C 132 18.60 1.65 28.71
CA THR C 132 19.82 2.46 28.73
C THR C 132 20.64 2.11 29.97
N VAL C 133 21.86 1.63 29.77
CA VAL C 133 22.75 1.27 30.88
C VAL C 133 23.82 2.35 31.02
N SER C 134 23.79 3.08 32.12
CA SER C 134 24.62 4.27 32.26
C SER C 134 24.54 4.78 33.68
N SER C 135 25.57 5.51 34.10
CA SER C 135 25.57 6.13 35.41
C SER C 135 25.13 7.59 35.33
N ALA C 136 24.77 8.06 34.15
CA ALA C 136 24.31 9.45 34.01
C ALA C 136 22.90 9.61 34.59
N SER C 137 22.58 10.83 34.98
CA SER C 137 21.31 11.13 35.64
C SER C 137 20.18 11.45 34.66
N THR C 138 18.96 11.08 35.04
CA THR C 138 17.76 11.51 34.31
C THR C 138 17.66 13.02 34.39
N LYS C 139 17.38 13.65 33.26
CA LYS C 139 17.20 15.11 33.22
C LYS C 139 16.17 15.45 32.16
N GLY C 140 15.21 16.29 32.52
CA GLY C 140 14.19 16.69 31.55
C GLY C 140 14.68 17.84 30.69
N PRO C 141 14.17 17.95 29.46
CA PRO C 141 14.63 18.97 28.51
C PRO C 141 14.02 20.34 28.79
N SER C 142 14.63 21.38 28.23
CA SER C 142 13.94 22.65 28.02
C SER C 142 13.45 22.70 26.59
N VAL C 143 12.32 23.38 26.36
CA VAL C 143 11.78 23.52 25.02
C VAL C 143 11.82 24.99 24.59
N PHE C 144 12.55 25.26 23.51
CA PHE C 144 12.71 26.62 23.01
C PHE C 144 12.07 26.76 21.62
N PRO C 145 11.52 27.94 21.32
CA PRO C 145 10.90 28.12 20.01
C PRO C 145 11.96 28.33 18.93
N LEU C 146 11.71 27.76 17.76
CA LEU C 146 12.43 28.15 16.54
C LEU C 146 11.43 29.00 15.77
N ALA C 147 11.52 30.31 15.94
CA ALA C 147 10.44 31.20 15.50
C ALA C 147 10.49 31.51 14.02
N PRO C 148 9.33 31.46 13.34
CA PRO C 148 9.28 31.81 11.92
C PRO C 148 9.60 33.29 11.72
N SER C 149 10.33 33.58 10.64
CA SER C 149 10.76 34.94 10.31
C SER C 149 9.59 35.91 10.13
N GLY C 156 4.76 32.96 0.24
CA GLY C 156 5.61 31.79 0.12
C GLY C 156 5.52 30.83 1.31
N THR C 157 6.65 30.23 1.65
CA THR C 157 6.69 29.21 2.70
C THR C 157 7.48 29.71 3.90
N ALA C 158 7.00 29.42 5.09
CA ALA C 158 7.73 29.75 6.31
C ALA C 158 8.09 28.46 7.06
N ALA C 159 9.14 28.53 7.88
CA ALA C 159 9.48 27.37 8.72
C ALA C 159 9.47 27.81 10.17
N LEU C 160 9.05 26.89 11.04
CA LEU C 160 9.05 27.13 12.46
C LEU C 160 9.24 25.80 13.14
N GLY C 161 9.49 25.82 14.44
CA GLY C 161 9.85 24.61 15.15
C GLY C 161 10.07 24.76 16.64
N CYS C 162 10.46 23.63 17.24
CA CYS C 162 10.79 23.57 18.63
C CYS C 162 12.14 22.88 18.80
N LEU C 163 12.97 23.47 19.63
CA LEU C 163 14.27 22.90 20.00
C LEU C 163 14.10 22.27 21.37
N VAL C 164 14.26 20.95 21.45
CA VAL C 164 14.11 20.22 22.70
C VAL C 164 15.49 19.90 23.22
N LYS C 165 15.95 20.67 24.20
CA LYS C 165 17.38 20.64 24.53
C LYS C 165 17.73 20.10 25.92
N ASP C 166 18.78 19.29 25.96
CA ASP C 166 19.43 18.90 27.21
C ASP C 166 18.64 17.88 28.05
N TYR C 167 18.40 16.71 27.48
CA TYR C 167 17.69 15.67 28.22
C TYR C 167 18.44 14.34 28.25
N PHE C 168 18.07 13.51 29.21
CA PHE C 168 18.63 12.16 29.31
C PHE C 168 17.69 11.33 30.17
N PRO C 169 17.53 10.05 29.85
CA PRO C 169 17.96 9.29 28.67
C PRO C 169 17.04 9.59 27.49
N GLU C 170 17.22 8.91 26.36
CA GLU C 170 16.19 8.95 25.32
C GLU C 170 15.01 8.14 25.88
N PRO C 171 13.81 8.26 25.28
CA PRO C 171 13.52 9.11 24.12
C PRO C 171 12.59 10.27 24.47
N VAL C 172 12.42 11.14 23.49
CA VAL C 172 11.40 12.17 23.63
CA VAL C 172 11.44 12.22 23.59
C VAL C 172 10.47 12.05 22.42
N THR C 173 9.20 12.39 22.63
CA THR C 173 8.29 12.43 21.48
C THR C 173 7.82 13.86 21.24
N VAL C 174 7.54 14.18 19.98
CA VAL C 174 7.07 15.50 19.59
C VAL C 174 5.92 15.32 18.59
N SER C 175 4.79 15.99 18.86
CA SER C 175 3.74 16.10 17.87
C SER C 175 3.44 17.58 17.69
N TRP C 176 2.66 17.93 16.67
CA TRP C 176 2.26 19.31 16.44
C TRP C 176 0.72 19.42 16.47
N ASN C 177 0.20 20.39 17.21
CA ASN C 177 -1.25 20.55 17.35
C ASN C 177 -1.94 19.24 17.70
N SER C 178 -1.36 18.49 18.63
CA SER C 178 -1.91 17.23 19.12
C SER C 178 -2.04 16.16 18.03
N GLY C 179 -1.21 16.25 17.00
CA GLY C 179 -1.23 15.27 15.91
C GLY C 179 -2.09 15.67 14.72
N ALA C 180 -2.77 16.82 14.83
CA ALA C 180 -3.58 17.32 13.73
C ALA C 180 -2.70 17.89 12.60
N LEU C 181 -1.47 18.28 12.94
CA LEU C 181 -0.56 18.79 11.91
C LEU C 181 0.56 17.79 11.65
N THR C 182 0.59 17.21 10.46
CA THR C 182 1.59 16.20 10.17
C THR C 182 2.33 16.49 8.87
N SER C 183 1.68 17.15 7.91
CA SER C 183 2.37 17.35 6.63
C SER C 183 3.37 18.50 6.78
N GLY C 184 4.57 18.28 6.25
CA GLY C 184 5.63 19.29 6.33
C GLY C 184 6.48 19.17 7.58
N VAL C 185 6.09 18.27 8.49
CA VAL C 185 6.78 18.13 9.78
C VAL C 185 8.03 17.28 9.60
N HIS C 186 9.16 17.75 10.12
CA HIS C 186 10.35 16.92 10.21
C HIS C 186 10.82 16.92 11.64
N THR C 187 10.79 15.77 12.28
CA THR C 187 11.38 15.66 13.60
C THR C 187 12.73 14.95 13.47
N PHE C 188 13.80 15.67 13.80
CA PHE C 188 15.13 15.14 13.56
C PHE C 188 15.57 14.11 14.60
N PRO C 189 16.44 13.18 14.18
CA PRO C 189 17.04 12.25 15.12
C PRO C 189 17.74 13.06 16.20
N ALA C 190 17.66 12.60 17.46
CA ALA C 190 18.33 13.27 18.55
C ALA C 190 19.84 13.19 18.35
N VAL C 191 20.56 14.16 18.87
CA VAL C 191 22.01 14.12 18.83
CA VAL C 191 22.02 14.13 18.82
C VAL C 191 22.57 14.18 20.23
N LEU C 192 23.59 13.34 20.49
CA LEU C 192 24.24 13.34 21.77
C LEU C 192 25.30 14.43 21.83
N GLN C 193 25.13 15.36 22.76
CA GLN C 193 26.02 16.49 22.88
C GLN C 193 27.24 16.07 23.69
N SER C 194 28.29 16.88 23.67
CA SER C 194 29.50 16.51 24.42
C SER C 194 29.25 16.56 25.93
N SER C 195 28.19 17.24 26.34
CA SER C 195 27.78 17.25 27.74
C SER C 195 27.25 15.90 28.20
N GLY C 196 26.99 14.99 27.26
CA GLY C 196 26.35 13.74 27.62
C GLY C 196 24.83 13.83 27.62
N LEU C 197 24.30 14.99 27.24
CA LEU C 197 22.84 15.16 27.11
C LEU C 197 22.38 15.19 25.65
N TYR C 198 21.15 14.73 25.41
CA TYR C 198 20.59 14.72 24.07
C TYR C 198 19.91 16.05 23.77
N SER C 199 19.80 16.35 22.48
CA SER C 199 19.06 17.50 22.03
C SER C 199 18.42 17.11 20.70
N LEU C 200 17.22 17.62 20.43
CA LEU C 200 16.64 17.38 19.11
C LEU C 200 15.76 18.54 18.71
N SER C 201 15.56 18.69 17.42
CA SER C 201 14.66 19.72 16.91
CA SER C 201 14.66 19.71 16.93
C SER C 201 13.53 19.10 16.11
N SER C 202 12.39 19.78 16.11
CA SER C 202 11.28 19.38 15.27
C SER C 202 10.85 20.64 14.55
N VAL C 203 10.65 20.55 13.25
CA VAL C 203 10.29 21.74 12.49
C VAL C 203 9.09 21.43 11.62
N VAL C 204 8.45 22.48 11.10
CA VAL C 204 7.39 22.27 10.13
C VAL C 204 7.40 23.46 9.19
N THR C 205 7.10 23.21 7.91
CA THR C 205 7.00 24.31 6.98
C THR C 205 5.51 24.55 6.71
N VAL C 206 5.13 25.82 6.73
CA VAL C 206 3.73 26.19 6.60
C VAL C 206 3.61 27.39 5.68
N PRO C 207 2.41 27.66 5.17
CA PRO C 207 2.19 28.84 4.33
C PRO C 207 2.43 30.09 5.15
N SER C 208 3.20 31.04 4.62
CA SER C 208 3.49 32.27 5.35
C SER C 208 2.21 33.03 5.68
N SER C 209 1.21 32.88 4.81
CA SER C 209 -0.05 33.59 4.99
C SER C 209 -0.82 33.08 6.21
N SER C 210 -0.43 31.92 6.72
CA SER C 210 -1.08 31.35 7.90
C SER C 210 -0.48 31.87 9.21
N LEU C 211 0.66 32.54 9.14
CA LEU C 211 1.40 32.88 10.35
C LEU C 211 0.58 33.73 11.31
N GLY C 212 -0.32 34.55 10.78
CA GLY C 212 -1.11 35.42 11.62
C GLY C 212 -2.31 34.76 12.27
N THR C 213 -2.80 33.69 11.67
CA THR C 213 -4.10 33.16 12.04
C THR C 213 -4.11 31.71 12.55
N GLN C 214 -3.17 30.89 12.12
CA GLN C 214 -3.11 29.50 12.59
C GLN C 214 -2.15 29.37 13.76
N THR C 215 -2.63 28.79 14.86
CA THR C 215 -1.74 28.56 16.00
C THR C 215 -0.94 27.29 15.76
N TYR C 216 0.32 27.32 16.18
CA TYR C 216 1.20 26.18 16.03
C TYR C 216 1.79 25.83 17.38
N ILE C 217 1.48 24.64 17.89
CA ILE C 217 1.97 24.24 19.20
C ILE C 217 2.67 22.89 19.08
N CYS C 218 3.89 22.80 19.56
CA CYS C 218 4.57 21.50 19.62
C CYS C 218 4.33 20.83 20.97
N ASN C 219 3.92 19.58 20.94
CA ASN C 219 3.63 18.84 22.17
C ASN C 219 4.82 17.94 22.46
N VAL C 220 5.52 18.20 23.56
CA VAL C 220 6.74 17.47 23.86
C VAL C 220 6.51 16.60 25.07
N ASN C 221 6.89 15.33 24.98
CA ASN C 221 6.85 14.47 26.16
C ASN C 221 8.17 13.75 26.35
N HIS C 222 8.76 13.94 27.52
CA HIS C 222 9.94 13.18 27.93
C HIS C 222 9.53 12.32 29.10
N LYS C 223 8.95 11.17 28.78
CA LYS C 223 8.40 10.30 29.80
C LYS C 223 9.40 9.87 30.88
N PRO C 224 10.65 9.61 30.50
CA PRO C 224 11.64 9.20 31.50
C PRO C 224 11.83 10.18 32.65
N SER C 225 11.62 11.48 32.43
CA SER C 225 11.74 12.47 33.51
C SER C 225 10.39 13.07 33.91
N ASN C 226 9.30 12.53 33.37
CA ASN C 226 7.95 13.00 33.70
C ASN C 226 7.83 14.46 33.25
N THR C 227 8.38 14.80 32.09
CA THR C 227 8.32 16.16 31.60
C THR C 227 7.40 16.24 30.39
N LYS C 228 6.38 17.07 30.50
CA LYS C 228 5.41 17.24 29.44
C LYS C 228 5.21 18.74 29.20
N VAL C 229 5.40 19.16 27.95
CA VAL C 229 5.38 20.60 27.64
C VAL C 229 4.62 20.84 26.34
N ASP C 230 3.79 21.89 26.32
CA ASP C 230 3.17 22.36 25.07
C ASP C 230 3.75 23.73 24.80
N LYS C 231 4.40 23.90 23.66
CA LYS C 231 5.05 25.17 23.32
CA LYS C 231 5.03 25.18 23.33
C LYS C 231 4.44 25.82 22.07
N LYS C 232 3.77 26.97 22.26
CA LYS C 232 3.20 27.70 21.15
C LYS C 232 4.33 28.46 20.50
N VAL C 233 4.43 28.38 19.18
CA VAL C 233 5.53 29.02 18.47
C VAL C 233 4.97 30.02 17.48
N GLU C 234 5.44 31.26 17.55
CA GLU C 234 4.98 32.25 16.58
C GLU C 234 6.08 33.24 16.24
N PRO C 235 5.86 34.07 15.21
CA PRO C 235 6.80 35.13 14.82
C PRO C 235 7.20 35.96 16.02
N LYS C 236 8.49 36.23 16.20
CA LYS C 236 8.92 37.11 17.27
C LYS C 236 8.58 38.57 16.92
N SER C 237 8.29 39.38 17.94
CA SER C 237 7.94 40.78 17.69
C SER C 237 8.98 41.74 18.28
N CYS C 238 8.54 42.96 18.55
CA CYS C 238 9.42 44.01 19.07
C CYS C 238 8.71 44.88 20.11
N ILE D 21 26.41 -19.12 13.11
CA ILE D 21 26.34 -18.89 11.67
C ILE D 21 26.42 -17.41 11.35
N GLN D 22 27.31 -17.05 10.43
CA GLN D 22 27.50 -15.65 10.04
C GLN D 22 26.76 -15.33 8.75
N LEU D 23 26.04 -14.21 8.75
CA LEU D 23 25.38 -13.73 7.55
C LEU D 23 26.04 -12.43 7.09
N THR D 24 26.38 -12.37 5.81
CA THR D 24 26.98 -11.18 5.24
C THR D 24 26.17 -10.70 4.06
N GLN D 25 25.73 -9.45 4.11
CA GLN D 25 24.93 -8.88 3.03
C GLN D 25 25.80 -8.07 2.08
N SER D 26 25.37 -7.98 0.83
CA SER D 26 26.08 -7.21 -0.17
C SER D 26 25.08 -6.59 -1.13
N PRO D 27 25.21 -5.28 -1.41
CA PRO D 27 26.19 -4.39 -0.80
C PRO D 27 25.69 -3.85 0.54
N ASP D 28 26.44 -2.94 1.15
CA ASP D 28 26.06 -2.32 2.41
C ASP D 28 24.97 -1.28 2.19
N SER D 29 24.97 -0.69 1.02
CA SER D 29 24.00 0.32 0.66
C SER D 29 23.93 0.44 -0.85
N LEU D 30 22.78 0.85 -1.36
CA LEU D 30 22.64 1.14 -2.79
C LEU D 30 21.53 2.15 -3.04
N ALA D 31 21.66 2.88 -4.13
CA ALA D 31 20.66 3.84 -4.57
C ALA D 31 20.10 3.37 -5.90
N VAL D 32 18.78 3.16 -5.96
CA VAL D 32 18.11 2.65 -7.15
C VAL D 32 17.00 3.62 -7.56
N SER D 33 16.79 3.80 -8.87
CA SER D 33 15.72 4.69 -9.32
C SER D 33 14.35 3.99 -9.24
N LEU D 34 13.29 4.78 -9.13
CA LEU D 34 11.93 4.23 -9.05
C LEU D 34 11.61 3.42 -10.30
N GLY D 35 10.99 2.26 -10.11
CA GLY D 35 10.59 1.42 -11.23
C GLY D 35 11.67 0.46 -11.62
N GLU D 36 12.89 0.70 -11.14
CA GLU D 36 14.00 -0.19 -11.46
C GLU D 36 14.03 -1.36 -10.50
N ARG D 37 14.99 -2.25 -10.73
CA ARG D 37 15.14 -3.46 -9.95
C ARG D 37 16.28 -3.33 -8.93
N ALA D 38 16.01 -3.64 -7.66
CA ALA D 38 17.04 -3.64 -6.65
C ALA D 38 17.36 -5.06 -6.22
N THR D 39 18.65 -5.35 -6.10
CA THR D 39 19.10 -6.67 -5.70
C THR D 39 19.98 -6.58 -4.47
N ILE D 40 19.66 -7.39 -3.47
CA ILE D 40 20.39 -7.40 -2.21
C ILE D 40 20.76 -8.83 -1.89
N ASN D 41 22.05 -9.09 -1.72
CA ASN D 41 22.52 -10.47 -1.52
C ASN D 41 22.85 -10.81 -0.07
N CYS D 42 22.58 -12.04 0.33
CA CYS D 42 22.92 -12.52 1.66
C CYS D 42 23.67 -13.82 1.57
N LYS D 43 24.88 -13.86 2.12
CA LYS D 43 25.65 -15.10 2.16
C LYS D 43 25.79 -15.66 3.59
N SER D 44 25.49 -16.94 3.73
CA SER D 44 25.57 -17.63 5.01
C SER D 44 26.88 -18.41 5.09
N SER D 45 27.44 -18.54 6.29
CA SER D 45 28.72 -19.24 6.48
C SER D 45 28.58 -20.76 6.50
N GLN D 46 27.35 -21.24 6.45
CA GLN D 46 27.10 -22.67 6.25
C GLN D 46 25.69 -22.85 5.74
N SER D 47 25.41 -24.03 5.20
CA SER D 47 24.10 -24.29 4.63
C SER D 47 23.04 -24.02 5.68
N ILE D 48 21.88 -23.52 5.24
CA ILE D 48 20.76 -23.35 6.13
C ILE D 48 19.51 -23.98 5.50
N PHE D 49 19.75 -24.94 4.61
CA PHE D 49 18.67 -25.76 4.08
C PHE D 49 18.41 -26.89 5.07
N ARG D 50 17.16 -27.05 5.48
CA ARG D 50 16.81 -28.10 6.43
C ARG D 50 16.22 -29.27 5.65
N THR D 51 17.08 -30.20 5.28
CA THR D 51 16.68 -31.36 4.48
C THR D 51 15.30 -31.86 4.92
N SER D 52 15.14 -32.02 6.23
CA SER D 52 13.93 -32.56 6.83
C SER D 52 12.65 -31.82 6.44
N ARG D 53 12.75 -30.51 6.21
CA ARG D 53 11.56 -29.70 5.91
C ARG D 53 11.53 -29.27 4.45
N ASN D 54 12.59 -29.60 3.72
CA ASN D 54 12.70 -29.24 2.31
C ASN D 54 12.56 -27.73 2.19
N LYS D 55 13.23 -27.01 3.08
CA LYS D 55 13.15 -25.57 3.12
C LYS D 55 14.47 -24.92 3.47
N ASN D 56 14.76 -23.80 2.82
CA ASN D 56 15.87 -22.95 3.23
C ASN D 56 15.32 -21.96 4.25
N LEU D 57 15.88 -21.98 5.45
CA LEU D 57 15.33 -21.22 6.57
C LEU D 57 15.95 -19.82 6.60
N LEU D 58 15.53 -18.99 5.67
CA LEU D 58 16.07 -17.64 5.57
C LEU D 58 14.93 -16.65 5.55
N ASN D 59 15.04 -15.64 6.41
CA ASN D 59 14.03 -14.59 6.48
C ASN D 59 14.61 -13.31 5.93
N TRP D 60 13.73 -12.48 5.37
CA TRP D 60 14.10 -11.13 4.99
C TRP D 60 13.18 -10.15 5.69
N TYR D 61 13.75 -9.04 6.14
CA TYR D 61 13.00 -8.00 6.83
C TYR D 61 13.19 -6.64 6.18
N GLN D 62 12.17 -5.81 6.27
CA GLN D 62 12.28 -4.42 5.90
C GLN D 62 12.12 -3.60 7.18
N GLN D 63 13.03 -2.65 7.41
CA GLN D 63 12.88 -1.75 8.54
C GLN D 63 13.02 -0.29 8.15
N ARG D 64 12.00 0.47 8.51
CA ARG D 64 11.87 1.88 8.17
C ARG D 64 12.08 2.73 9.44
N PRO D 65 12.00 4.07 9.32
CA PRO D 65 12.32 5.04 10.39
C PRO D 65 12.90 4.48 11.69
N GLY D 66 12.16 4.68 12.77
CA GLY D 66 12.49 4.10 14.06
C GLY D 66 11.42 3.07 14.35
N GLN D 67 10.90 2.50 13.26
CA GLN D 67 9.83 1.52 13.32
C GLN D 67 10.38 0.11 13.45
N PRO D 68 9.57 -0.81 13.98
CA PRO D 68 10.06 -2.19 14.11
C PRO D 68 10.18 -2.83 12.73
N PRO D 69 11.04 -3.86 12.61
CA PRO D 69 11.19 -4.57 11.35
C PRO D 69 9.87 -5.21 10.93
N ARG D 70 9.70 -5.43 9.64
CA ARG D 70 8.53 -6.10 9.11
C ARG D 70 9.04 -7.30 8.32
N LEU D 71 8.43 -8.47 8.54
CA LEU D 71 8.84 -9.67 7.83
C LEU D 71 8.31 -9.60 6.40
N LEU D 72 9.20 -9.75 5.44
CA LEU D 72 8.81 -9.81 4.05
C LEU D 72 8.68 -11.26 3.61
N ILE D 73 9.72 -12.03 3.86
CA ILE D 73 9.88 -13.37 3.30
C ILE D 73 10.51 -14.33 4.31
N HIS D 74 9.99 -15.57 4.31
CA HIS D 74 10.54 -16.65 5.11
C HIS D 74 10.66 -17.90 4.24
N TRP D 75 11.38 -18.91 4.73
CA TRP D 75 11.70 -20.08 3.91
C TRP D 75 12.40 -19.67 2.62
N ALA D 76 13.15 -18.57 2.68
CA ALA D 76 13.96 -18.09 1.56
C ALA D 76 13.16 -17.46 0.43
N SER D 77 11.95 -17.95 0.18
CA SER D 77 11.22 -17.49 -0.99
C SER D 77 9.72 -17.40 -0.77
N THR D 78 9.27 -17.77 0.42
CA THR D 78 7.85 -17.63 0.70
C THR D 78 7.51 -16.28 1.29
N ARG D 79 6.68 -15.55 0.56
CA ARG D 79 6.22 -14.23 0.93
C ARG D 79 5.18 -14.32 2.05
N LYS D 80 5.25 -13.40 3.02
CA LYS D 80 4.23 -13.33 4.07
C LYS D 80 2.94 -12.73 3.53
N SER D 81 1.83 -13.19 4.08
CA SER D 81 0.53 -12.74 3.59
C SER D 81 0.46 -11.22 3.64
N GLY D 82 0.01 -10.62 2.54
CA GLY D 82 -0.15 -9.17 2.51
C GLY D 82 1.05 -8.39 2.01
N VAL D 83 2.24 -9.01 1.96
CA VAL D 83 3.37 -8.26 1.42
C VAL D 83 3.38 -8.27 -0.12
N PRO D 84 3.56 -7.08 -0.71
CA PRO D 84 3.48 -6.89 -2.16
C PRO D 84 4.30 -7.92 -2.94
N ASP D 85 3.80 -8.29 -4.11
CA ASP D 85 4.47 -9.25 -4.98
C ASP D 85 5.82 -8.77 -5.52
N ARG D 86 6.08 -7.46 -5.50
CA ARG D 86 7.36 -6.96 -6.03
C ARG D 86 8.57 -7.40 -5.20
N PHE D 87 8.33 -7.85 -3.97
CA PHE D 87 9.38 -8.39 -3.13
C PHE D 87 9.43 -9.89 -3.33
N SER D 88 10.53 -10.40 -3.84
CA SER D 88 10.64 -11.84 -3.93
C SER D 88 12.03 -12.30 -3.55
N GLY D 89 12.08 -13.44 -2.87
CA GLY D 89 13.35 -13.98 -2.43
C GLY D 89 13.67 -15.21 -3.24
N SER D 90 14.95 -15.52 -3.32
CA SER D 90 15.40 -16.68 -4.08
C SER D 90 16.72 -17.06 -3.48
N GLY D 91 17.24 -18.21 -3.92
CA GLY D 91 18.53 -18.67 -3.45
C GLY D 91 18.41 -20.06 -2.90
N PHE D 92 19.55 -20.62 -2.50
CA PHE D 92 19.59 -21.97 -1.98
C PHE D 92 20.90 -22.15 -1.22
N GLY D 93 20.87 -22.95 -0.15
CA GLY D 93 22.07 -23.33 0.57
C GLY D 93 22.75 -22.24 1.37
N THR D 94 23.72 -21.57 0.75
CA THR D 94 24.49 -20.54 1.43
C THR D 94 24.42 -19.18 0.73
N ASP D 95 23.62 -19.10 -0.33
CA ASP D 95 23.56 -17.88 -1.16
C ASP D 95 22.15 -17.48 -1.46
N PHE D 96 21.79 -16.28 -1.04
CA PHE D 96 20.41 -15.84 -1.16
C PHE D 96 20.32 -14.41 -1.63
N THR D 97 19.16 -14.06 -2.16
CA THR D 97 18.96 -12.68 -2.58
C THR D 97 17.51 -12.25 -2.54
N LEU D 98 17.35 -10.99 -2.13
CA LEU D 98 16.07 -10.34 -2.11
C LEU D 98 16.06 -9.48 -3.33
N THR D 99 15.00 -9.59 -4.12
CA THR D 99 14.83 -8.80 -5.31
C THR D 99 13.60 -7.91 -5.15
N ILE D 100 13.78 -6.62 -5.40
CA ILE D 100 12.60 -5.77 -5.45
C ILE D 100 12.50 -5.30 -6.87
N THR D 101 11.49 -5.80 -7.58
CA THR D 101 11.25 -5.35 -8.93
C THR D 101 10.40 -4.11 -8.80
N SER D 102 10.43 -3.26 -9.81
CA SER D 102 9.62 -2.06 -9.83
C SER D 102 9.66 -1.30 -8.50
N LEU D 103 10.85 -0.87 -8.10
CA LEU D 103 11.05 -0.14 -6.85
C LEU D 103 10.10 1.05 -6.70
N GLN D 104 9.48 1.16 -5.53
CA GLN D 104 8.53 2.24 -5.28
C GLN D 104 9.09 3.14 -4.18
N ALA D 105 8.65 4.38 -4.15
CA ALA D 105 9.19 5.37 -3.22
C ALA D 105 9.11 4.92 -1.75
N GLU D 106 8.05 4.19 -1.40
CA GLU D 106 7.82 3.81 -0.02
C GLU D 106 8.68 2.62 0.37
N ASP D 107 9.46 2.12 -0.58
CA ASP D 107 10.35 1.00 -0.28
C ASP D 107 11.67 1.43 0.37
N VAL D 108 11.90 2.72 0.52
CA VAL D 108 13.15 3.16 1.16
C VAL D 108 13.23 2.59 2.57
N ALA D 109 14.33 1.90 2.89
CA ALA D 109 14.42 1.18 4.14
C ALA D 109 15.79 0.51 4.28
N ILE D 110 16.04 -0.04 5.46
CA ILE D 110 17.14 -0.97 5.65
C ILE D 110 16.57 -2.38 5.56
N TYR D 111 17.22 -3.23 4.76
CA TYR D 111 16.79 -4.61 4.60
C TYR D 111 17.73 -5.54 5.33
N TYR D 112 17.18 -6.53 6.02
CA TYR D 112 17.98 -7.48 6.79
C TYR D 112 17.66 -8.90 6.45
N CYS D 113 18.68 -9.72 6.31
CA CYS D 113 18.48 -11.16 6.23
C CYS D 113 18.68 -11.77 7.62
N GLN D 114 18.12 -12.95 7.82
CA GLN D 114 18.24 -13.65 9.08
C GLN D 114 18.03 -15.14 8.86
N GLN D 115 18.87 -15.96 9.49
CA GLN D 115 18.69 -17.40 9.39
C GLN D 115 17.90 -17.92 10.58
N TYR D 116 17.01 -18.85 10.33
CA TYR D 116 16.12 -19.42 11.35
C TYR D 116 16.42 -20.92 11.45
N PHE D 117 17.70 -21.27 11.35
CA PHE D 117 18.14 -22.65 11.14
C PHE D 117 18.66 -23.28 12.42
N SER D 118 19.56 -22.58 13.11
CA SER D 118 19.97 -23.00 14.44
C SER D 118 20.42 -21.79 15.27
N PRO D 119 19.98 -21.72 16.53
CA PRO D 119 20.27 -20.57 17.39
C PRO D 119 21.76 -20.45 17.66
N PRO D 120 22.28 -19.22 17.85
CA PRO D 120 21.56 -17.95 17.74
C PRO D 120 21.08 -17.68 16.31
N TYR D 121 19.81 -17.29 16.17
CA TYR D 121 19.24 -17.04 14.85
C TYR D 121 19.69 -15.67 14.32
N THR D 122 20.95 -15.62 13.93
CA THR D 122 21.66 -14.38 13.59
C THR D 122 21.13 -13.58 12.40
N PHE D 123 21.35 -12.26 12.44
CA PHE D 123 21.01 -11.38 11.35
C PHE D 123 22.26 -10.98 10.56
N GLY D 124 22.07 -10.70 9.27
CA GLY D 124 23.09 -10.04 8.48
C GLY D 124 23.16 -8.61 8.98
N GLN D 125 24.14 -7.85 8.49
CA GLN D 125 24.41 -6.50 9.02
C GLN D 125 23.49 -5.43 8.46
N GLY D 126 22.61 -5.81 7.55
CA GLY D 126 21.68 -4.85 6.97
C GLY D 126 22.25 -4.12 5.76
N THR D 127 21.39 -3.83 4.79
CA THR D 127 21.79 -3.02 3.65
C THR D 127 20.82 -1.88 3.50
N LYS D 128 21.35 -0.67 3.35
CA LYS D 128 20.49 0.49 3.21
C LYS D 128 20.08 0.69 1.76
N LEU D 129 18.79 0.85 1.51
CA LEU D 129 18.29 1.13 0.17
C LEU D 129 17.76 2.55 0.06
N GLU D 130 18.43 3.35 -0.76
CA GLU D 130 18.03 4.73 -1.01
C GLU D 130 17.39 4.85 -2.39
N ILE D 131 16.41 5.74 -2.53
CA ILE D 131 15.81 6.00 -3.82
C ILE D 131 16.64 7.08 -4.54
N LYS D 132 17.02 6.79 -5.77
CA LYS D 132 17.73 7.76 -6.59
C LYS D 132 16.71 8.63 -7.29
N ARG D 133 16.83 9.94 -7.18
CA ARG D 133 15.87 10.85 -7.82
C ARG D 133 16.60 12.06 -8.39
N THR D 134 15.84 12.98 -8.99
CA THR D 134 16.43 14.19 -9.53
C THR D 134 16.98 15.06 -8.40
N VAL D 135 17.94 15.90 -8.73
CA VAL D 135 18.50 16.84 -7.77
C VAL D 135 17.41 17.81 -7.32
N ALA D 136 17.35 18.09 -6.01
CA ALA D 136 16.43 19.07 -5.47
C ALA D 136 17.15 19.99 -4.47
N ALA D 137 17.07 21.30 -4.70
CA ALA D 137 17.71 22.28 -3.81
C ALA D 137 16.98 22.38 -2.47
N PRO D 138 17.74 22.57 -1.37
CA PRO D 138 17.07 22.81 -0.10
C PRO D 138 16.52 24.21 0.00
N SER D 139 15.42 24.38 0.72
CA SER D 139 15.07 25.69 1.26
C SER D 139 15.85 25.81 2.56
N VAL D 140 16.38 27.00 2.83
CA VAL D 140 17.28 27.20 3.97
C VAL D 140 16.66 28.23 4.87
N PHE D 141 16.67 27.95 6.17
CA PHE D 141 16.18 28.88 7.17
C PHE D 141 17.17 28.99 8.33
N ILE D 142 17.27 30.16 8.95
CA ILE D 142 18.08 30.31 10.14
C ILE D 142 17.20 30.79 11.31
N PHE D 143 17.49 30.27 12.50
CA PHE D 143 16.76 30.62 13.70
C PHE D 143 17.70 31.12 14.78
N PRO D 144 17.51 32.38 15.21
CA PRO D 144 18.31 32.88 16.34
C PRO D 144 17.91 32.20 17.64
N PRO D 145 18.78 32.25 18.67
CA PRO D 145 18.45 31.68 19.97
C PRO D 145 17.33 32.50 20.59
N SER D 146 16.50 31.86 21.39
CA SER D 146 15.37 32.54 22.03
C SER D 146 15.83 33.31 23.26
N ASP D 147 15.11 34.38 23.59
CA ASP D 147 15.38 35.11 24.83
C ASP D 147 15.34 34.20 26.04
N GLU D 148 14.38 33.27 26.06
CA GLU D 148 14.27 32.35 27.20
C GLU D 148 15.54 31.51 27.36
N GLN D 149 16.05 30.97 26.26
CA GLN D 149 17.27 30.18 26.36
C GLN D 149 18.44 31.03 26.86
N LEU D 150 18.58 32.23 26.31
CA LEU D 150 19.68 33.12 26.69
C LEU D 150 19.74 33.33 28.20
N LYS D 151 18.56 33.47 28.82
CA LYS D 151 18.46 33.64 30.26
C LYS D 151 19.11 32.50 31.02
N SER D 152 19.18 31.33 30.40
CA SER D 152 19.75 30.17 31.06
C SER D 152 21.25 30.07 30.83
N GLY D 153 21.80 31.00 30.06
CA GLY D 153 23.25 31.11 29.90
C GLY D 153 23.84 30.44 28.67
N THR D 154 22.97 29.96 27.78
CA THR D 154 23.43 29.30 26.56
C THR D 154 22.69 29.87 25.36
N ALA D 155 23.31 29.77 24.18
CA ALA D 155 22.67 30.24 22.96
C ALA D 155 22.79 29.16 21.88
N SER D 156 21.67 28.68 21.36
CA SER D 156 21.74 27.75 20.23
C SER D 156 21.19 28.44 18.99
N VAL D 157 21.97 28.36 17.91
CA VAL D 157 21.57 28.92 16.62
C VAL D 157 21.29 27.75 15.69
N VAL D 158 20.12 27.74 15.08
CA VAL D 158 19.76 26.59 14.25
C VAL D 158 19.66 26.95 12.78
N CYS D 159 20.26 26.11 11.95
CA CYS D 159 20.11 26.23 10.50
C CYS D 159 19.38 25.00 9.95
N LEU D 160 18.32 25.23 9.17
CA LEU D 160 17.51 24.15 8.63
C LEU D 160 17.63 24.10 7.10
N LEU D 161 17.93 22.92 6.57
CA LEU D 161 17.83 22.67 5.14
C LEU D 161 16.66 21.73 4.91
N ASN D 162 15.68 22.19 4.16
CA ASN D 162 14.43 21.45 4.00
C ASN D 162 14.29 20.79 2.62
N ASN D 163 13.99 19.49 2.63
CA ASN D 163 13.62 18.74 1.42
C ASN D 163 14.60 18.85 0.24
N PHE D 164 15.78 18.27 0.38
CA PHE D 164 16.78 18.37 -0.69
C PHE D 164 17.27 16.99 -1.11
N TYR D 165 17.90 16.92 -2.29
CA TYR D 165 18.49 15.68 -2.78
C TYR D 165 19.60 16.03 -3.77
N PRO D 166 20.74 15.32 -3.73
CA PRO D 166 21.15 14.19 -2.90
C PRO D 166 21.51 14.59 -1.48
N ARG D 167 21.93 13.62 -0.67
CA ARG D 167 22.13 13.86 0.76
C ARG D 167 23.31 14.79 1.05
N GLU D 168 24.31 14.75 0.18
CA GLU D 168 25.53 15.53 0.40
C GLU D 168 25.23 17.02 0.44
N ALA D 169 25.70 17.68 1.50
CA ALA D 169 25.48 19.12 1.65
C ALA D 169 26.57 19.67 2.56
N LYS D 170 27.03 20.88 2.28
CA LYS D 170 27.98 21.50 3.17
C LYS D 170 27.31 22.67 3.87
N VAL D 171 27.28 22.61 5.19
CA VAL D 171 26.65 23.66 5.99
C VAL D 171 27.76 24.24 6.84
N GLN D 172 28.03 25.53 6.68
CA GLN D 172 29.10 26.20 7.44
C GLN D 172 28.55 27.37 8.25
N TRP D 173 29.02 27.50 9.47
CA TRP D 173 28.59 28.57 10.35
C TRP D 173 29.68 29.62 10.37
N LYS D 174 29.30 30.89 10.22
CA LYS D 174 30.25 31.99 10.35
C LYS D 174 29.73 32.99 11.37
N VAL D 175 30.59 33.42 12.29
CA VAL D 175 30.23 34.40 13.30
C VAL D 175 31.24 35.53 13.17
N ASP D 176 30.76 36.71 12.82
CA ASP D 176 31.64 37.84 12.47
C ASP D 176 32.83 37.37 11.62
N ASN D 177 32.50 36.61 10.57
CA ASN D 177 33.44 36.15 9.52
C ASN D 177 34.29 34.93 9.85
N ALA D 178 34.30 34.54 11.12
CA ALA D 178 35.09 33.40 11.54
C ALA D 178 34.30 32.12 11.31
N LEU D 179 34.83 31.23 10.50
CA LEU D 179 34.27 29.90 10.37
C LEU D 179 34.31 29.14 11.70
N GLN D 180 33.17 28.58 12.09
CA GLN D 180 33.04 27.91 13.37
C GLN D 180 33.21 26.42 13.14
N SER D 181 34.11 25.80 13.90
CA SER D 181 34.36 24.39 13.74
C SER D 181 34.51 23.74 15.12
N GLY D 182 33.86 22.60 15.31
CA GLY D 182 33.91 21.91 16.60
C GLY D 182 32.81 22.29 17.56
N ASN D 183 32.02 23.32 17.24
CA ASN D 183 30.96 23.77 18.15
C ASN D 183 29.57 23.70 17.53
N SER D 184 29.42 22.88 16.50
CA SER D 184 28.10 22.64 15.93
C SER D 184 27.84 21.14 15.76
N GLN D 185 26.58 20.76 15.62
CA GLN D 185 26.24 19.35 15.40
C GLN D 185 25.08 19.29 14.40
N GLU D 186 25.11 18.29 13.52
CA GLU D 186 24.05 18.11 12.51
C GLU D 186 23.22 16.86 12.80
N SER D 187 21.97 16.90 12.37
CA SER D 187 21.10 15.73 12.33
C SER D 187 20.40 15.73 10.98
N VAL D 188 20.28 14.55 10.37
CA VAL D 188 19.61 14.42 9.08
CA VAL D 188 19.58 14.45 9.09
C VAL D 188 18.46 13.43 9.17
N THR D 189 17.34 13.73 8.52
CA THR D 189 16.25 12.78 8.56
C THR D 189 16.55 11.65 7.58
N GLU D 190 15.81 10.56 7.72
CA GLU D 190 15.84 9.51 6.71
C GLU D 190 15.12 10.00 5.47
N GLN D 191 15.40 9.39 4.33
CA GLN D 191 14.79 9.76 3.08
C GLN D 191 13.28 9.73 3.18
N ASP D 192 12.62 10.80 2.76
CA ASP D 192 11.17 10.88 2.84
C ASP D 192 10.50 9.86 1.91
N SER D 193 9.48 9.16 2.41
CA SER D 193 8.85 8.08 1.65
C SER D 193 8.14 8.60 0.42
N LYS D 194 7.67 9.84 0.47
CA LYS D 194 6.87 10.39 -0.61
C LYS D 194 7.70 11.10 -1.68
N ASP D 195 8.56 12.03 -1.27
CA ASP D 195 9.30 12.81 -2.25
C ASP D 195 10.79 12.43 -2.33
N SER D 196 11.19 11.47 -1.52
CA SER D 196 12.54 10.92 -1.56
C SER D 196 13.62 11.96 -1.26
N THR D 197 13.28 12.98 -0.47
CA THR D 197 14.28 14.00 -0.12
C THR D 197 14.76 13.84 1.31
N TYR D 198 15.82 14.58 1.65
CA TYR D 198 16.33 14.67 3.01
C TYR D 198 16.09 16.05 3.57
N SER D 199 16.09 16.15 4.90
CA SER D 199 16.18 17.42 5.55
C SER D 199 17.28 17.37 6.60
N LEU D 200 17.83 18.52 6.95
CA LEU D 200 19.01 18.57 7.81
C LEU D 200 18.89 19.73 8.77
N SER D 201 19.28 19.51 10.03
CA SER D 201 19.34 20.61 10.96
C SER D 201 20.77 20.67 11.46
N SER D 202 21.28 21.89 11.60
CA SER D 202 22.60 22.08 12.20
C SER D 202 22.43 23.08 13.32
N THR D 203 22.94 22.74 14.50
CA THR D 203 22.85 23.59 15.66
C THR D 203 24.23 24.05 16.09
N LEU D 204 24.43 25.36 16.08
CA LEU D 204 25.66 25.99 16.61
C LEU D 204 25.39 26.38 18.07
N THR D 205 26.22 25.89 18.99
CA THR D 205 26.03 26.23 20.41
C THR D 205 27.17 27.06 20.97
N LEU D 206 26.83 28.19 21.61
CA LEU D 206 27.80 29.08 22.24
C LEU D 206 27.29 29.41 23.64
N SER D 207 28.19 29.79 24.53
CA SER D 207 27.74 30.38 25.78
C SER D 207 27.07 31.73 25.48
N LYS D 208 26.15 32.15 26.35
CA LYS D 208 25.55 33.47 26.28
C LYS D 208 26.62 34.54 26.19
N ALA D 209 27.64 34.41 27.02
CA ALA D 209 28.71 35.39 27.06
C ALA D 209 29.37 35.52 25.69
N ASP D 210 29.68 34.39 25.06
CA ASP D 210 30.27 34.41 23.72
C ASP D 210 29.33 34.95 22.65
N TYR D 211 28.06 34.52 22.71
CA TYR D 211 27.05 34.99 21.76
C TYR D 211 26.93 36.51 21.77
N GLU D 212 26.97 37.10 22.96
CA GLU D 212 26.84 38.55 23.10
C GLU D 212 28.09 39.32 22.68
N LYS D 213 29.17 38.61 22.40
CA LYS D 213 30.39 39.29 21.93
C LYS D 213 30.38 39.58 20.45
N HIS D 214 29.45 38.97 19.72
CA HIS D 214 29.48 39.03 18.25
C HIS D 214 28.19 39.57 17.66
N LYS D 215 28.27 40.08 16.44
CA LYS D 215 27.11 40.68 15.78
C LYS D 215 26.45 39.82 14.71
N VAL D 216 27.24 39.39 13.73
CA VAL D 216 26.68 38.72 12.56
C VAL D 216 26.78 37.20 12.66
N TYR D 217 25.62 36.56 12.56
CA TYR D 217 25.54 35.10 12.61
C TYR D 217 25.02 34.59 11.29
N ALA D 218 25.78 33.70 10.66
CA ALA D 218 25.41 33.25 9.33
C ALA D 218 25.57 31.75 9.15
N CYS D 219 24.63 31.17 8.41
CA CYS D 219 24.70 29.78 7.99
C CYS D 219 24.87 29.82 6.46
N GLU D 220 25.95 29.21 5.95
CA GLU D 220 26.20 29.16 4.52
C GLU D 220 26.02 27.75 4.00
N VAL D 221 25.14 27.57 3.02
CA VAL D 221 24.80 26.24 2.54
C VAL D 221 25.25 26.04 1.11
N THR D 222 26.02 24.98 0.90
CA THR D 222 26.45 24.58 -0.44
C THR D 222 25.81 23.25 -0.79
N HIS D 223 25.14 23.21 -1.94
CA HIS D 223 24.49 21.97 -2.37
C HIS D 223 24.39 21.94 -3.88
N GLN D 224 24.46 20.75 -4.43
CA GLN D 224 24.45 20.56 -5.88
C GLN D 224 23.26 21.25 -6.56
N GLY D 225 22.14 21.37 -5.86
CA GLY D 225 20.95 21.95 -6.46
C GLY D 225 20.95 23.48 -6.47
N LEU D 226 21.92 24.07 -5.79
CA LEU D 226 22.00 25.51 -5.69
C LEU D 226 23.04 25.99 -6.68
N SER D 227 22.71 27.01 -7.45
CA SER D 227 23.64 27.51 -8.47
C SER D 227 24.90 28.09 -7.83
N SER D 228 24.76 28.64 -6.62
CA SER D 228 25.91 29.06 -5.81
C SER D 228 25.44 29.03 -4.35
N PRO D 229 26.38 29.07 -3.39
CA PRO D 229 26.04 28.85 -1.98
C PRO D 229 25.06 29.88 -1.45
N VAL D 230 24.13 29.41 -0.64
CA VAL D 230 23.13 30.29 -0.06
C VAL D 230 23.51 30.59 1.37
N THR D 231 23.42 31.86 1.72
CA THR D 231 23.66 32.32 3.07
C THR D 231 22.40 32.88 3.71
N LYS D 232 22.05 32.36 4.88
CA LYS D 232 21.03 32.99 5.71
C LYS D 232 21.72 33.55 6.94
N SER D 233 21.39 34.79 7.32
CA SER D 233 22.08 35.42 8.42
C SER D 233 21.19 36.38 9.21
N PHE D 234 21.62 36.72 10.41
CA PHE D 234 21.00 37.79 11.19
C PHE D 234 22.04 38.59 11.97
N ASN D 235 21.65 39.77 12.43
CA ASN D 235 22.46 40.53 13.37
C ASN D 235 21.83 40.39 14.75
N ARG D 236 22.64 39.98 15.72
CA ARG D 236 22.16 39.86 17.09
C ARG D 236 21.58 41.19 17.54
N GLY D 237 20.41 41.16 18.16
CA GLY D 237 19.82 42.36 18.73
C GLY D 237 18.97 43.18 17.77
N GLU D 238 18.74 42.67 16.57
CA GLU D 238 17.82 43.32 15.64
C GLU D 238 16.45 42.63 15.63
N CYS D 239 15.59 43.05 14.70
CA CYS D 239 14.27 42.47 14.58
C CYS D 239 13.79 42.51 13.13
#